data_6NC4
#
_entry.id   6NC4
#
_cell.length_a   34.817
_cell.length_b   75.905
_cell.length_c   108.403
_cell.angle_alpha   90.00
_cell.angle_beta   93.39
_cell.angle_gamma   90.00
#
_symmetry.space_group_name_H-M   'P 1 21 1'
#
loop_
_entity.id
_entity.type
_entity.pdbx_description
1 polymer 'Signal recognition particle receptor FtsY'
2 non-polymer 'PHOSPHOAMINOPHOSPHONIC ACID-GUANYLATE ESTER'
3 non-polymer 'ACETATE ION'
4 non-polymer 'AMMONIUM ION'
5 non-polymer "GUANOSINE-5'-DIPHOSPHATE"
6 non-polymer GLYCEROL
7 water water
#
_entity_poly.entity_id   1
_entity_poly.type   'polypeptide(L)'
_entity_poly.pdbx_seq_one_letter_code
;GFARLKRSLLKTKENLGSGFISLFRGKKIDDDLFEELEEQLLIADVGVETTRKIITNLTEGASRKQLRDAEALYGLLKEE
MGEILAKVDEPLNVEGKAPFVILMVGVNGVGKTTTIGKLARQFEQQGKSVMLAAGDTFRAAAVEQLQVWGQRNNIPVIAQ
HTGADSASVIFDAIQAAKARNIDVLIADTAGRLQNKSHLMEELKKIVRVMKKLDVEAPHEVMLTIDASTGQNAVSQAKLF
HEAVGLTGITLTKLDGTAKGGVIFSVADQFGIPIRYIGVGERIEDLRPFKADDFIEALFARED
;
_entity_poly.pdbx_strand_id   A,B
#
loop_
_chem_comp.id
_chem_comp.type
_chem_comp.name
_chem_comp.formula
ACT non-polymer 'ACETATE ION' 'C2 H3 O2 -1'
GDP RNA linking GUANOSINE-5'-DIPHOSPHATE 'C10 H15 N5 O11 P2'
GNP non-polymer 'PHOSPHOAMINOPHOSPHONIC ACID-GUANYLATE ESTER' 'C10 H17 N6 O13 P3'
GOL non-polymer GLYCEROL 'C3 H8 O3'
NH4 non-polymer 'AMMONIUM ION' 'H4 N 1'
#
# COMPACT_ATOMS: atom_id res chain seq x y z
N GLY A 1 5.53 -0.13 -6.21
CA GLY A 1 4.46 -0.40 -5.28
C GLY A 1 4.84 -0.35 -3.81
N PHE A 2 3.80 -0.36 -2.98
CA PHE A 2 3.92 -0.36 -1.51
C PHE A 2 4.89 0.68 -0.99
N ALA A 3 4.89 1.88 -1.60
CA ALA A 3 5.82 2.92 -1.19
C ALA A 3 5.65 3.28 0.29
N ARG A 4 4.41 3.34 0.78
CA ARG A 4 4.21 3.75 2.17
C ARG A 4 4.79 2.73 3.13
N LEU A 5 4.53 1.44 2.88
CA LEU A 5 5.03 0.42 3.80
C LEU A 5 6.54 0.28 3.64
N LYS A 6 7.08 0.48 2.43
CA LYS A 6 8.54 0.49 2.28
C LYS A 6 9.18 1.56 3.15
N ARG A 7 8.53 2.74 3.25
CA ARG A 7 9.03 3.83 4.09
C ARG A 7 8.95 3.46 5.56
N SER A 8 7.84 2.83 5.97
CA SER A 8 7.73 2.38 7.35
C SER A 8 8.80 1.37 7.70
N LEU A 9 9.22 0.55 6.74
CA LEU A 9 10.14 -0.54 6.98
C LEU A 9 11.57 -0.21 6.57
N LEU A 10 11.87 1.07 6.35
CA LEU A 10 13.17 1.46 5.82
C LEU A 10 14.33 0.91 6.65
N LYS A 11 14.27 1.04 7.97
CA LYS A 11 15.37 0.59 8.80
C LYS A 11 15.49 -0.93 8.81
N THR A 12 14.35 -1.63 8.77
CA THR A 12 14.38 -3.09 8.70
C THR A 12 14.92 -3.59 7.38
N LYS A 13 14.61 -2.89 6.28
CA LYS A 13 15.12 -3.23 4.96
C LYS A 13 16.64 -3.11 4.86
N GLU A 14 17.30 -2.45 5.80
CA GLU A 14 18.76 -2.43 5.76
C GLU A 14 19.33 -3.82 5.97
N ASN A 15 18.63 -4.70 6.70
CA ASN A 15 19.11 -6.06 6.94
C ASN A 15 18.34 -7.15 6.20
N LEU A 16 17.04 -6.98 5.99
CA LEU A 16 16.23 -8.02 5.37
C LEU A 16 15.69 -7.58 4.03
N GLY A 17 15.31 -8.57 3.23
CA GLY A 17 14.67 -8.30 1.95
C GLY A 17 15.67 -7.67 1.02
N SER A 18 15.41 -6.42 0.62
CA SER A 18 16.34 -5.72 -0.28
C SER A 18 17.71 -5.54 0.36
N GLY A 19 17.79 -5.64 1.69
CA GLY A 19 19.07 -5.64 2.37
C GLY A 19 19.90 -6.87 2.06
N PHE A 20 19.29 -7.92 1.51
CA PHE A 20 20.07 -9.08 1.12
C PHE A 20 20.88 -8.83 -0.14
N ILE A 21 20.47 -7.84 -0.95
CA ILE A 21 21.01 -7.74 -2.30
C ILE A 21 22.52 -7.50 -2.25
N SER A 22 22.97 -6.55 -1.42
CA SER A 22 24.39 -6.28 -1.33
C SER A 22 25.16 -7.46 -0.76
N LEU A 23 24.54 -8.24 0.11
CA LEU A 23 25.20 -9.39 0.71
C LEU A 23 25.51 -10.46 -0.32
N PHE A 24 24.62 -10.65 -1.29
CA PHE A 24 24.79 -11.75 -2.24
C PHE A 24 25.58 -11.34 -3.48
N ARG A 25 25.62 -10.05 -3.81
CA ARG A 25 26.18 -9.58 -5.06
C ARG A 25 27.58 -10.17 -5.31
N GLY A 26 27.71 -10.90 -6.42
CA GLY A 26 29.00 -11.38 -6.86
C GLY A 26 29.56 -12.58 -6.12
N LYS A 27 28.81 -13.16 -5.21
CA LYS A 27 29.33 -14.23 -4.37
C LYS A 27 28.85 -15.60 -4.84
N LYS A 28 29.59 -16.61 -4.43
CA LYS A 28 29.22 -17.99 -4.68
C LYS A 28 28.46 -18.55 -3.49
N ILE A 29 27.74 -19.63 -3.73
CA ILE A 29 27.02 -20.33 -2.67
C ILE A 29 27.97 -21.35 -2.06
N ASP A 30 28.38 -21.10 -0.83
CA ASP A 30 29.23 -22.00 -0.08
C ASP A 30 28.93 -21.81 1.40
N ASP A 31 29.64 -22.57 2.24
CA ASP A 31 29.41 -22.49 3.68
C ASP A 31 29.66 -21.08 4.19
N ASP A 32 30.64 -20.38 3.62
CA ASP A 32 30.91 -19.01 4.04
C ASP A 32 29.70 -18.11 3.80
N LEU A 33 29.04 -18.27 2.64
CA LEU A 33 27.87 -17.46 2.34
C LEU A 33 26.77 -17.71 3.36
N PHE A 34 26.51 -18.99 3.67
CA PHE A 34 25.42 -19.30 4.57
C PHE A 34 25.73 -18.82 5.98
N GLU A 35 27.00 -18.81 6.38
CA GLU A 35 27.39 -18.28 7.67
C GLU A 35 27.13 -16.78 7.73
N GLU A 36 27.47 -16.04 6.67
CA GLU A 36 27.22 -14.61 6.61
C GLU A 36 25.72 -14.31 6.66
N LEU A 37 24.93 -15.09 5.91
CA LEU A 37 23.49 -14.86 5.88
C LEU A 37 22.86 -15.18 7.23
N GLU A 38 23.25 -16.29 7.85
CA GLU A 38 22.78 -16.60 9.19
C GLU A 38 23.06 -15.43 10.14
N GLU A 39 24.29 -14.91 10.10
CA GLU A 39 24.64 -13.79 10.97
C GLU A 39 23.70 -12.62 10.76
N GLN A 40 23.43 -12.29 9.49
CA GLN A 40 22.60 -11.12 9.19
C GLN A 40 21.15 -11.35 9.62
N LEU A 41 20.63 -12.56 9.41
CA LEU A 41 19.28 -12.86 9.89
C LEU A 41 19.18 -12.71 11.40
N LEU A 42 20.22 -13.15 12.12
CA LEU A 42 20.23 -13.03 13.58
C LEU A 42 20.32 -11.57 14.00
N ILE A 43 21.14 -10.77 13.32
CA ILE A 43 21.23 -9.34 13.64
C ILE A 43 19.88 -8.68 13.43
N ALA A 44 19.11 -9.17 12.46
CA ALA A 44 17.79 -8.63 12.18
C ALA A 44 16.70 -9.13 13.11
N ASP A 45 17.07 -9.87 14.15
CA ASP A 45 16.15 -10.37 15.18
C ASP A 45 15.18 -11.44 14.67
N VAL A 46 15.55 -12.18 13.63
CA VAL A 46 14.73 -13.31 13.16
C VAL A 46 14.74 -14.47 14.15
N GLY A 47 15.72 -14.56 15.00
CA GLY A 47 15.70 -15.56 16.06
C GLY A 47 16.52 -16.78 15.70
N VAL A 48 17.12 -17.41 16.71
CA VAL A 48 18.02 -18.54 16.47
C VAL A 48 17.28 -19.70 15.79
N GLU A 49 16.13 -20.08 16.32
CA GLU A 49 15.42 -21.26 15.80
C GLU A 49 14.84 -21.00 14.41
N THR A 50 14.21 -19.85 14.21
CA THR A 50 13.65 -19.55 12.88
C THR A 50 14.76 -19.39 11.86
N THR A 51 15.88 -18.75 12.25
CA THR A 51 17.00 -18.62 11.34
C THR A 51 17.56 -19.98 10.97
N ARG A 52 17.68 -20.87 11.95
CA ARG A 52 18.21 -22.21 11.65
C ARG A 52 17.34 -22.92 10.62
N LYS A 53 16.01 -22.82 10.77
CA LYS A 53 15.09 -23.44 9.81
C LYS A 53 15.25 -22.85 8.41
N ILE A 54 15.31 -21.52 8.32
CA ILE A 54 15.48 -20.87 7.04
C ILE A 54 16.77 -21.34 6.37
N ILE A 55 17.87 -21.34 7.11
CA ILE A 55 19.16 -21.70 6.52
C ILE A 55 19.13 -23.16 6.06
N THR A 56 18.55 -24.04 6.89
CA THR A 56 18.47 -25.46 6.55
C THR A 56 17.72 -25.65 5.24
N ASN A 57 16.58 -24.97 5.12
CA ASN A 57 15.74 -25.11 3.93
C ASN A 57 16.37 -24.46 2.71
N LEU A 58 17.03 -23.31 2.88
CA LEU A 58 17.72 -22.70 1.75
C LEU A 58 18.85 -23.57 1.25
N THR A 59 19.62 -24.15 2.18
CA THR A 59 20.74 -24.99 1.80
C THR A 59 20.28 -26.17 0.97
N GLU A 60 19.20 -26.81 1.41
CA GLU A 60 18.67 -27.95 0.68
C GLU A 60 18.08 -27.52 -0.66
N GLY A 61 17.37 -26.38 -0.68
CA GLY A 61 16.80 -25.90 -1.92
C GLY A 61 17.86 -25.48 -2.92
N ALA A 62 18.93 -24.84 -2.43
CA ALA A 62 19.99 -24.39 -3.33
C ALA A 62 20.75 -25.58 -3.90
N SER A 63 20.99 -26.59 -3.05
CA SER A 63 21.67 -27.79 -3.49
C SER A 63 20.82 -28.59 -4.45
N ARG A 64 19.54 -28.75 -4.14
CA ARG A 64 18.65 -29.50 -5.02
C ARG A 64 18.67 -28.93 -6.42
N LYS A 65 18.51 -27.61 -6.54
CA LYS A 65 18.50 -26.96 -7.84
C LYS A 65 19.91 -26.66 -8.34
N GLN A 66 20.93 -27.00 -7.57
CA GLN A 66 22.32 -26.81 -7.99
C GLN A 66 22.54 -25.36 -8.40
N LEU A 67 22.01 -24.44 -7.59
CA LEU A 67 22.30 -23.03 -7.78
C LEU A 67 23.80 -22.80 -7.62
N ARG A 68 24.31 -21.82 -8.35
CA ARG A 68 25.73 -21.50 -8.29
C ARG A 68 25.99 -20.13 -7.69
N ASP A 69 25.25 -19.12 -8.12
CA ASP A 69 25.50 -17.74 -7.69
C ASP A 69 24.59 -17.39 -6.52
N ALA A 70 25.17 -16.71 -5.53
CA ALA A 70 24.40 -16.31 -4.36
C ALA A 70 23.15 -15.50 -4.71
N GLU A 71 23.17 -14.76 -5.82
CA GLU A 71 22.03 -13.93 -6.16
C GLU A 71 20.74 -14.74 -6.24
N ALA A 72 20.83 -16.00 -6.66
CA ALA A 72 19.63 -16.82 -6.80
C ALA A 72 19.00 -17.17 -5.47
N LEU A 73 19.74 -17.04 -4.37
CA LEU A 73 19.14 -17.30 -3.08
C LEU A 73 18.09 -16.27 -2.73
N TYR A 74 18.12 -15.11 -3.39
CA TYR A 74 17.17 -14.04 -3.04
C TYR A 74 15.74 -14.49 -3.20
N GLY A 75 15.41 -15.06 -4.36
CA GLY A 75 14.06 -15.51 -4.59
C GLY A 75 13.63 -16.64 -3.68
N LEU A 76 14.56 -17.53 -3.35
CA LEU A 76 14.24 -18.63 -2.45
C LEU A 76 13.96 -18.10 -1.06
N LEU A 77 14.73 -17.10 -0.62
CA LEU A 77 14.49 -16.47 0.67
C LEU A 77 13.15 -15.77 0.71
N LYS A 78 12.81 -15.05 -0.37
CA LYS A 78 11.51 -14.40 -0.42
C LYS A 78 10.40 -15.43 -0.26
N GLU A 79 10.54 -16.60 -0.88
CA GLU A 79 9.51 -17.61 -0.76
C GLU A 79 9.44 -18.17 0.66
N GLU A 80 10.61 -18.51 1.24
CA GLU A 80 10.63 -19.10 2.57
C GLU A 80 10.09 -18.13 3.62
N MET A 81 10.56 -16.88 3.57
CA MET A 81 10.10 -15.91 4.55
C MET A 81 8.68 -15.46 4.27
N GLY A 82 8.29 -15.41 2.99
CA GLY A 82 6.91 -15.10 2.68
C GLY A 82 5.94 -16.16 3.18
N GLU A 83 6.32 -17.43 3.12
CA GLU A 83 5.46 -18.50 3.62
C GLU A 83 5.26 -18.38 5.13
N ILE A 84 6.33 -18.02 5.86
CA ILE A 84 6.22 -17.81 7.30
C ILE A 84 5.12 -16.80 7.63
N LEU A 85 5.10 -15.68 6.91
CA LEU A 85 4.12 -14.65 7.19
C LEU A 85 2.74 -15.00 6.65
N ALA A 86 2.67 -15.67 5.48
CA ALA A 86 1.36 -16.02 4.95
C ALA A 86 0.59 -16.94 5.89
N LYS A 87 1.29 -17.77 6.66
CA LYS A 87 0.64 -18.69 7.58
C LYS A 87 -0.03 -17.99 8.75
N VAL A 88 0.29 -16.71 9.01
CA VAL A 88 -0.33 -15.97 10.10
C VAL A 88 -1.07 -14.73 9.59
N ASP A 89 -1.50 -14.78 8.31
CA ASP A 89 -2.30 -13.76 7.66
C ASP A 89 -3.75 -14.22 7.80
N GLU A 90 -4.47 -13.59 8.70
CA GLU A 90 -5.88 -13.87 8.93
C GLU A 90 -6.42 -12.64 9.63
N PRO A 91 -7.14 -11.75 8.96
CA PRO A 91 -7.62 -10.54 9.64
C PRO A 91 -8.69 -10.85 10.67
N LEU A 92 -8.74 -9.99 11.67
CA LEU A 92 -9.78 -10.06 12.70
C LEU A 92 -11.13 -9.65 12.17
N ASN A 93 -12.13 -10.52 12.42
CA ASN A 93 -13.54 -10.24 12.13
C ASN A 93 -14.31 -10.19 13.43
N VAL A 94 -14.88 -9.01 13.72
CA VAL A 94 -15.58 -8.76 14.98
C VAL A 94 -17.10 -8.71 14.79
N GLU A 95 -17.60 -9.19 13.65
CA GLU A 95 -19.02 -9.04 13.35
C GLU A 95 -19.87 -10.02 14.14
N GLY A 96 -21.13 -9.65 14.37
CA GLY A 96 -22.13 -10.62 14.69
C GLY A 96 -22.25 -11.05 16.14
N LYS A 97 -21.61 -10.35 17.07
CA LYS A 97 -21.69 -10.73 18.47
C LYS A 97 -22.20 -9.56 19.29
N ALA A 98 -22.61 -9.84 20.52
CA ALA A 98 -23.40 -8.91 21.33
C ALA A 98 -23.00 -8.98 22.78
N PRO A 99 -21.82 -8.47 23.13
CA PRO A 99 -20.79 -7.90 22.27
C PRO A 99 -19.76 -8.93 21.85
N PHE A 100 -18.99 -8.58 20.82
CA PHE A 100 -17.73 -9.24 20.56
C PHE A 100 -16.72 -8.77 21.60
N VAL A 101 -16.14 -9.69 22.36
CA VAL A 101 -15.23 -9.34 23.44
C VAL A 101 -13.79 -9.57 23.01
N ILE A 102 -12.96 -8.52 23.06
CA ILE A 102 -11.51 -8.62 22.87
C ILE A 102 -10.85 -8.44 24.22
N LEU A 103 -10.11 -9.46 24.66
CA LEU A 103 -9.29 -9.36 25.86
C LEU A 103 -7.88 -8.98 25.44
N MET A 104 -7.44 -7.79 25.85
CA MET A 104 -6.13 -7.29 25.46
C MET A 104 -5.11 -7.62 26.52
N VAL A 105 -4.13 -8.44 26.16
CA VAL A 105 -3.08 -8.85 27.09
C VAL A 105 -1.73 -8.39 26.60
N GLY A 106 -0.76 -8.39 27.53
CA GLY A 106 0.58 -7.96 27.25
C GLY A 106 1.19 -7.20 28.40
N VAL A 107 2.47 -6.88 28.30
CA VAL A 107 3.13 -6.12 29.36
C VAL A 107 2.85 -4.63 29.17
N ASN A 108 3.15 -3.84 30.20
CA ASN A 108 3.03 -2.40 30.09
C ASN A 108 4.17 -1.83 29.25
N GLY A 109 3.86 -0.75 28.59
CA GLY A 109 4.81 -0.01 27.80
C GLY A 109 5.11 -0.44 26.35
N VAL A 110 4.29 -1.32 25.81
CA VAL A 110 4.50 -1.84 24.46
C VAL A 110 3.43 -1.42 23.48
N GLY A 111 2.48 -0.60 23.89
CA GLY A 111 1.47 -0.08 22.97
C GLY A 111 0.07 -0.61 23.19
N LYS A 112 -0.17 -1.34 24.28
CA LYS A 112 -1.49 -1.94 24.49
C LYS A 112 -2.57 -0.86 24.53
N THR A 113 -2.42 0.14 25.42
CA THR A 113 -3.44 1.17 25.58
C THR A 113 -3.64 1.98 24.30
N THR A 114 -2.54 2.36 23.66
CA THR A 114 -2.63 3.03 22.37
C THR A 114 -3.43 2.20 21.36
N THR A 115 -3.15 0.90 21.32
CA THR A 115 -3.83 0.03 20.36
C THR A 115 -5.31 -0.10 20.68
N ILE A 116 -5.66 -0.14 21.96
CA ILE A 116 -7.08 -0.15 22.33
C ILE A 116 -7.79 1.05 21.73
N GLY A 117 -7.22 2.25 21.87
CA GLY A 117 -7.87 3.44 21.36
C GLY A 117 -7.97 3.45 19.84
N LYS A 118 -6.91 3.03 19.15
CA LYS A 118 -6.95 2.97 17.70
C LYS A 118 -8.02 1.97 17.23
N LEU A 119 -8.04 0.78 17.82
CA LEU A 119 -9.05 -0.20 17.47
C LEU A 119 -10.46 0.33 17.71
N ALA A 120 -10.67 0.97 18.87
CA ALA A 120 -11.99 1.50 19.20
C ALA A 120 -12.44 2.49 18.14
N ARG A 121 -11.55 3.41 17.73
CA ARG A 121 -11.93 4.41 16.74
C ARG A 121 -12.17 3.75 15.38
N GLN A 122 -11.34 2.77 15.01
CA GLN A 122 -11.58 2.07 13.76
C GLN A 122 -12.94 1.38 13.74
N PHE A 123 -13.30 0.67 14.83
CA PHE A 123 -14.59 0.00 14.85
C PHE A 123 -15.73 1.01 14.78
N GLU A 124 -15.59 2.16 15.44
CA GLU A 124 -16.64 3.18 15.37
C GLU A 124 -16.80 3.70 13.94
N GLN A 125 -15.68 3.89 13.24
CA GLN A 125 -15.78 4.33 11.84
C GLN A 125 -16.46 3.29 10.98
N GLN A 126 -16.44 2.02 11.39
CA GLN A 126 -17.15 0.95 10.72
C GLN A 126 -18.63 0.89 11.08
N GLY A 127 -19.09 1.77 11.97
CA GLY A 127 -20.47 1.81 12.38
C GLY A 127 -20.80 1.05 13.64
N LYS A 128 -19.80 0.52 14.34
CA LYS A 128 -20.02 -0.26 15.54
C LYS A 128 -19.98 0.62 16.79
N SER A 129 -20.78 0.24 17.79
CA SER A 129 -20.67 0.84 19.11
C SER A 129 -19.62 0.10 19.92
N VAL A 130 -18.81 0.84 20.65
CA VAL A 130 -17.68 0.29 21.39
C VAL A 130 -17.78 0.69 22.85
N MET A 131 -17.27 -0.19 23.71
CA MET A 131 -17.14 0.05 25.15
C MET A 131 -15.78 -0.49 25.57
N LEU A 132 -15.16 0.15 26.56
CA LEU A 132 -13.89 -0.30 27.10
C LEU A 132 -14.06 -0.72 28.55
N ALA A 133 -13.26 -1.69 28.96
CA ALA A 133 -13.19 -2.10 30.36
C ALA A 133 -11.80 -1.78 30.89
N ALA A 134 -11.75 -1.02 31.99
CA ALA A 134 -10.48 -0.62 32.61
C ALA A 134 -10.02 -1.70 33.60
N GLY A 135 -9.54 -2.80 33.05
CA GLY A 135 -9.15 -3.91 33.88
C GLY A 135 -7.76 -3.90 34.45
N ASP A 136 -6.95 -2.87 34.18
CA ASP A 136 -5.65 -2.68 34.83
C ASP A 136 -5.86 -1.92 36.14
N THR A 137 -6.42 -2.64 37.11
CA THR A 137 -7.15 -2.00 38.22
C THR A 137 -6.26 -1.44 39.33
N PHE A 138 -4.99 -1.82 39.40
CA PHE A 138 -4.11 -1.30 40.45
C PHE A 138 -3.24 -0.15 39.97
N ARG A 139 -3.36 0.27 38.72
CA ARG A 139 -2.61 1.39 38.17
C ARG A 139 -3.60 2.54 37.98
N ALA A 140 -3.71 3.38 39.02
CA ALA A 140 -4.76 4.41 39.01
C ALA A 140 -4.56 5.39 37.88
N ALA A 141 -3.31 5.72 37.56
CA ALA A 141 -3.06 6.66 36.50
C ALA A 141 -3.50 6.10 35.15
N ALA A 142 -3.33 4.80 34.96
CA ALA A 142 -3.73 4.16 33.71
C ALA A 142 -5.24 4.06 33.59
N VAL A 143 -5.90 3.69 34.68
CA VAL A 143 -7.37 3.72 34.67
C VAL A 143 -7.88 5.12 34.36
N GLU A 144 -7.35 6.13 35.05
CA GLU A 144 -7.83 7.50 34.81
C GLU A 144 -7.56 7.93 33.37
N GLN A 145 -6.39 7.60 32.83
CA GLN A 145 -6.13 8.00 31.45
C GLN A 145 -7.12 7.35 30.49
N LEU A 146 -7.48 6.10 30.73
CA LEU A 146 -8.46 5.45 29.86
C LEU A 146 -9.84 6.11 29.98
N GLN A 147 -10.24 6.47 31.21
CA GLN A 147 -11.49 7.19 31.40
C GLN A 147 -11.45 8.55 30.74
N VAL A 148 -10.33 9.27 30.86
CA VAL A 148 -10.20 10.57 30.20
C VAL A 148 -10.33 10.41 28.70
N TRP A 149 -9.65 9.42 28.15
CA TRP A 149 -9.75 9.16 26.72
C TRP A 149 -11.18 8.84 26.32
N GLY A 150 -11.85 8.00 27.10
CA GLY A 150 -13.23 7.67 26.79
C GLY A 150 -14.14 8.88 26.80
N GLN A 151 -13.96 9.76 27.80
CA GLN A 151 -14.79 10.96 27.88
C GLN A 151 -14.51 11.87 26.70
N ARG A 152 -13.24 11.99 26.30
CA ARG A 152 -12.89 12.83 25.15
C ARG A 152 -13.49 12.29 23.86
N ASN A 153 -13.73 10.98 23.79
CA ASN A 153 -14.16 10.36 22.55
C ASN A 153 -15.59 9.85 22.62
N ASN A 154 -16.30 10.16 23.70
CA ASN A 154 -17.67 9.72 23.92
C ASN A 154 -17.79 8.21 23.72
N ILE A 155 -16.86 7.49 24.35
CA ILE A 155 -16.85 6.03 24.38
C ILE A 155 -16.93 5.60 25.84
N PRO A 156 -17.90 4.78 26.24
CA PRO A 156 -18.02 4.44 27.67
C PRO A 156 -16.88 3.58 28.13
N VAL A 157 -16.45 3.83 29.36
CA VAL A 157 -15.36 3.11 29.99
C VAL A 157 -15.84 2.62 31.35
N ILE A 158 -15.80 1.32 31.55
CA ILE A 158 -16.23 0.69 32.79
C ILE A 158 -15.02 0.55 33.70
N ALA A 159 -15.11 1.11 34.91
CA ALA A 159 -13.98 1.14 35.83
C ALA A 159 -14.50 1.05 37.26
N GLN A 160 -13.66 0.52 38.14
CA GLN A 160 -13.96 0.48 39.57
C GLN A 160 -12.79 1.12 40.32
N HIS A 161 -12.92 1.14 41.64
CA HIS A 161 -11.93 1.79 42.47
C HIS A 161 -10.57 1.14 42.31
N THR A 162 -9.53 1.89 42.69
CA THR A 162 -8.18 1.35 42.64
C THR A 162 -8.08 0.10 43.49
N GLY A 163 -7.55 -0.97 42.90
CA GLY A 163 -7.42 -2.23 43.60
C GLY A 163 -8.60 -3.16 43.43
N ALA A 164 -9.59 -2.79 42.63
CA ALA A 164 -10.72 -3.68 42.41
C ALA A 164 -10.26 -4.96 41.73
N ASP A 165 -11.07 -6.00 41.87
CA ASP A 165 -10.82 -7.26 41.19
C ASP A 165 -11.04 -7.10 39.69
N SER A 166 -10.00 -7.36 38.90
CA SER A 166 -10.07 -7.16 37.45
C SER A 166 -11.15 -8.04 36.81
N ALA A 167 -11.33 -9.27 37.30
CA ALA A 167 -12.35 -10.14 36.72
C ALA A 167 -13.75 -9.60 36.99
N SER A 168 -13.94 -8.97 38.14
CA SER A 168 -15.22 -8.35 38.45
CA SER A 168 -15.21 -8.33 38.48
C SER A 168 -15.47 -7.11 37.59
N VAL A 169 -14.45 -6.29 37.38
CA VAL A 169 -14.61 -5.15 36.49
C VAL A 169 -15.01 -5.61 35.10
N ILE A 170 -14.34 -6.65 34.60
CA ILE A 170 -14.61 -7.08 33.22
C ILE A 170 -15.96 -7.81 33.13
N PHE A 171 -16.36 -8.55 34.16
CA PHE A 171 -17.72 -9.11 34.21
C PHE A 171 -18.75 -8.01 34.14
N ASP A 172 -18.59 -6.98 34.98
CA ASP A 172 -19.54 -5.86 34.97
C ASP A 172 -19.57 -5.18 33.59
N ALA A 173 -18.40 -5.08 32.93
CA ALA A 173 -18.36 -4.44 31.61
C ALA A 173 -19.10 -5.29 30.58
N ILE A 174 -18.98 -6.61 30.63
CA ILE A 174 -19.75 -7.44 29.70
C ILE A 174 -21.24 -7.28 29.97
N GLN A 175 -21.65 -7.27 31.24
CA GLN A 175 -23.06 -7.06 31.54
C GLN A 175 -23.55 -5.71 31.00
N ALA A 176 -22.76 -4.66 31.18
CA ALA A 176 -23.13 -3.34 30.69
C ALA A 176 -23.16 -3.30 29.18
N ALA A 177 -22.18 -3.94 28.54
CA ALA A 177 -22.17 -4.00 27.08
C ALA A 177 -23.41 -4.72 26.55
N LYS A 178 -23.79 -5.83 27.16
CA LYS A 178 -24.98 -6.52 26.71
C LYS A 178 -26.20 -5.66 26.94
N ALA A 179 -26.28 -4.98 28.08
CA ALA A 179 -27.47 -4.18 28.39
C ALA A 179 -27.61 -2.98 27.45
N ARG A 180 -26.50 -2.43 26.97
CA ARG A 180 -26.52 -1.20 26.17
C ARG A 180 -26.31 -1.47 24.69
N ASN A 181 -26.44 -2.71 24.25
CA ASN A 181 -26.41 -3.04 22.81
C ASN A 181 -25.06 -2.69 22.17
N ILE A 182 -23.98 -2.88 22.93
CA ILE A 182 -22.63 -2.62 22.46
C ILE A 182 -22.19 -3.74 21.50
N ASP A 183 -21.55 -3.34 20.39
CA ASP A 183 -21.09 -4.29 19.39
C ASP A 183 -19.75 -4.89 19.76
N VAL A 184 -18.82 -4.08 20.30
CA VAL A 184 -17.47 -4.55 20.62
C VAL A 184 -17.09 -4.04 22.00
N LEU A 185 -16.69 -4.96 22.88
CA LEU A 185 -16.15 -4.64 24.19
C LEU A 185 -14.65 -4.96 24.16
N ILE A 186 -13.82 -3.95 24.46
CA ILE A 186 -12.37 -4.13 24.50
C ILE A 186 -11.92 -4.01 25.94
N ALA A 187 -11.37 -5.09 26.48
CA ALA A 187 -10.97 -5.11 27.88
C ALA A 187 -9.45 -4.97 28.03
N ASP A 188 -9.04 -3.89 28.70
CA ASP A 188 -7.66 -3.70 29.12
C ASP A 188 -7.37 -4.61 30.30
N THR A 189 -6.09 -4.94 30.46
CA THR A 189 -5.63 -5.77 31.56
C THR A 189 -4.31 -5.23 32.10
N ALA A 190 -3.95 -5.73 33.29
CA ALA A 190 -2.66 -5.39 33.85
C ALA A 190 -1.52 -5.98 33.03
N GLY A 191 -0.32 -5.41 33.22
CA GLY A 191 0.83 -5.81 32.43
C GLY A 191 2.12 -5.79 33.21
N ARG A 192 2.03 -6.00 34.52
CA ARG A 192 3.23 -6.07 35.35
C ARG A 192 3.88 -7.44 35.21
N LEU A 193 5.17 -7.48 34.89
CA LEU A 193 5.86 -8.77 34.83
C LEU A 193 6.51 -9.17 36.15
N GLN A 194 6.68 -8.24 37.08
CA GLN A 194 7.12 -8.59 38.42
C GLN A 194 6.21 -9.70 38.95
N ASN A 195 6.79 -10.82 39.35
CA ASN A 195 6.02 -11.98 39.78
C ASN A 195 4.97 -12.34 38.71
N LYS A 196 5.50 -12.82 37.58
CA LYS A 196 4.69 -13.02 36.38
C LYS A 196 3.59 -14.06 36.58
N SER A 197 3.82 -15.05 37.44
CA SER A 197 2.83 -16.10 37.63
C SER A 197 1.54 -15.56 38.24
N HIS A 198 1.62 -14.48 39.02
CA HIS A 198 0.41 -13.90 39.57
C HIS A 198 -0.44 -13.25 38.46
N LEU A 199 0.21 -12.56 37.52
CA LEU A 199 -0.53 -11.97 36.42
C LEU A 199 -1.23 -13.05 35.61
N MET A 200 -0.53 -14.15 35.33
CA MET A 200 -1.14 -15.20 34.53
C MET A 200 -2.34 -15.78 35.23
N GLU A 201 -2.28 -15.97 36.56
CA GLU A 201 -3.46 -16.43 37.27
C GLU A 201 -4.58 -15.40 37.19
N GLU A 202 -4.23 -14.10 37.24
CA GLU A 202 -5.25 -13.06 37.12
C GLU A 202 -5.95 -13.15 35.77
N LEU A 203 -5.20 -13.37 34.70
CA LEU A 203 -5.79 -13.44 33.37
C LEU A 203 -6.65 -14.69 33.23
N LYS A 204 -6.19 -15.83 33.75
CA LYS A 204 -7.00 -17.04 33.69
C LYS A 204 -8.32 -16.86 34.45
N LYS A 205 -8.29 -16.13 35.56
CA LYS A 205 -9.52 -15.88 36.29
C LYS A 205 -10.48 -15.02 35.48
N ILE A 206 -9.95 -13.97 34.84
CA ILE A 206 -10.79 -13.14 34.01
C ILE A 206 -11.54 -13.99 32.99
N VAL A 207 -10.81 -14.90 32.34
CA VAL A 207 -11.40 -15.71 31.28
C VAL A 207 -12.48 -16.63 31.83
N ARG A 208 -12.22 -17.26 32.98
CA ARG A 208 -13.21 -18.14 33.59
C ARG A 208 -14.49 -17.40 33.91
N VAL A 209 -14.36 -16.21 34.49
CA VAL A 209 -15.51 -15.42 34.93
C VAL A 209 -16.35 -14.99 33.73
N MET A 210 -15.71 -14.66 32.60
CA MET A 210 -16.47 -14.26 31.41
C MET A 210 -17.49 -15.30 31.00
N LYS A 211 -17.14 -16.58 31.17
CA LYS A 211 -17.96 -17.68 30.66
C LYS A 211 -19.32 -17.77 31.33
N LYS A 212 -19.48 -17.19 32.52
CA LYS A 212 -20.80 -17.15 33.14
C LYS A 212 -21.78 -16.29 32.35
N LEU A 213 -21.30 -15.32 31.58
CA LEU A 213 -22.16 -14.48 30.77
C LEU A 213 -22.19 -14.91 29.31
N ASP A 214 -21.09 -15.45 28.80
CA ASP A 214 -21.06 -15.89 27.41
C ASP A 214 -19.95 -16.91 27.24
N VAL A 215 -20.33 -18.15 26.94
CA VAL A 215 -19.32 -19.21 26.85
C VAL A 215 -18.38 -18.97 25.69
N GLU A 216 -18.76 -18.12 24.73
CA GLU A 216 -17.92 -17.75 23.60
C GLU A 216 -16.93 -16.65 23.94
N ALA A 217 -17.13 -15.96 25.04
CA ALA A 217 -16.19 -14.89 25.39
C ALA A 217 -15.00 -15.45 26.16
N PRO A 218 -13.80 -14.89 25.98
CA PRO A 218 -13.49 -13.80 25.04
C PRO A 218 -13.41 -14.33 23.63
N HIS A 219 -13.97 -13.58 22.68
CA HIS A 219 -13.95 -14.01 21.29
C HIS A 219 -12.56 -13.87 20.68
N GLU A 220 -11.77 -12.92 21.17
CA GLU A 220 -10.39 -12.74 20.74
C GLU A 220 -9.56 -12.45 21.97
N VAL A 221 -8.45 -13.17 22.14
CA VAL A 221 -7.41 -12.84 23.12
C VAL A 221 -6.23 -12.30 22.32
N MET A 222 -6.05 -10.98 22.36
CA MET A 222 -5.09 -10.27 21.53
CA MET A 222 -5.07 -10.31 21.52
C MET A 222 -3.89 -9.86 22.37
N LEU A 223 -2.70 -10.33 21.99
CA LEU A 223 -1.46 -9.86 22.56
C LEU A 223 -1.00 -8.60 21.84
N THR A 224 -0.48 -7.63 22.57
CA THR A 224 0.23 -6.51 21.98
C THR A 224 1.70 -6.63 22.37
N ILE A 225 2.56 -6.61 21.37
CA ILE A 225 4.01 -6.60 21.53
C ILE A 225 4.61 -5.53 20.64
N ASP A 226 5.84 -5.11 20.99
CA ASP A 226 6.53 -3.94 20.45
C ASP A 226 7.76 -4.42 19.70
N ALA A 227 7.78 -4.22 18.38
CA ALA A 227 8.89 -4.71 17.55
C ALA A 227 10.21 -4.10 17.97
N SER A 228 10.20 -2.87 18.50
CA SER A 228 11.47 -2.24 18.89
C SER A 228 12.07 -2.89 20.12
N THR A 229 11.35 -3.79 20.80
CA THR A 229 11.90 -4.53 21.93
C THR A 229 12.59 -5.82 21.50
N GLY A 230 12.69 -6.09 20.19
CA GLY A 230 13.44 -7.24 19.74
C GLY A 230 12.87 -8.54 20.28
N GLN A 231 13.77 -9.46 20.68
CA GLN A 231 13.32 -10.78 21.10
C GLN A 231 12.55 -10.75 22.41
N ASN A 232 12.50 -9.61 23.10
CA ASN A 232 11.59 -9.47 24.24
C ASN A 232 10.15 -9.69 23.81
N ALA A 233 9.82 -9.31 22.57
CA ALA A 233 8.47 -9.55 22.07
C ALA A 233 8.19 -11.04 21.97
N VAL A 234 9.21 -11.82 21.61
CA VAL A 234 9.01 -13.25 21.51
C VAL A 234 8.84 -13.90 22.88
N SER A 235 9.67 -13.50 23.86
CA SER A 235 9.52 -14.12 25.17
C SER A 235 8.21 -13.70 25.83
N GLN A 236 7.77 -12.47 25.59
CA GLN A 236 6.44 -12.05 26.06
C GLN A 236 5.35 -12.90 25.43
N ALA A 237 5.42 -13.08 24.11
CA ALA A 237 4.40 -13.89 23.44
C ALA A 237 4.38 -15.31 23.99
N LYS A 238 5.55 -15.89 24.28
CA LYS A 238 5.55 -17.25 24.81
C LYS A 238 4.87 -17.29 26.17
N LEU A 239 5.18 -16.30 27.01
CA LEU A 239 4.62 -16.24 28.35
C LEU A 239 3.11 -16.21 28.31
N PHE A 240 2.53 -15.29 27.52
CA PHE A 240 1.07 -15.15 27.54
C PHE A 240 0.38 -16.29 26.82
N HIS A 241 0.98 -16.77 25.74
CA HIS A 241 0.36 -17.84 24.98
C HIS A 241 0.30 -19.14 25.79
N GLU A 242 1.38 -19.48 26.49
CA GLU A 242 1.37 -20.70 27.30
C GLU A 242 0.43 -20.57 28.49
N ALA A 243 0.20 -19.33 28.97
CA ALA A 243 -0.62 -19.10 30.15
C ALA A 243 -2.11 -19.10 29.82
N VAL A 244 -2.55 -18.32 28.83
CA VAL A 244 -3.97 -18.19 28.55
C VAL A 244 -4.36 -18.62 27.12
N GLY A 245 -3.44 -18.64 26.17
CA GLY A 245 -3.83 -18.99 24.83
C GLY A 245 -4.30 -17.79 24.02
N LEU A 246 -3.40 -17.30 23.18
CA LEU A 246 -3.67 -16.19 22.30
C LEU A 246 -4.44 -16.64 21.07
N THR A 247 -5.26 -15.73 20.54
CA THR A 247 -5.86 -15.94 19.23
C THR A 247 -5.48 -14.88 18.20
N GLY A 248 -4.84 -13.78 18.61
CA GLY A 248 -4.34 -12.81 17.66
C GLY A 248 -3.21 -12.01 18.27
N ILE A 249 -2.41 -11.38 17.39
CA ILE A 249 -1.28 -10.55 17.81
C ILE A 249 -1.32 -9.22 17.08
N THR A 250 -1.07 -8.13 17.81
CA THR A 250 -0.74 -6.84 17.25
C THR A 250 0.73 -6.55 17.55
N LEU A 251 1.49 -6.22 16.53
CA LEU A 251 2.92 -5.92 16.64
C LEU A 251 3.08 -4.43 16.34
N THR A 252 3.48 -3.67 17.37
CA THR A 252 3.55 -2.21 17.26
C THR A 252 4.97 -1.75 16.94
N LYS A 253 5.02 -0.49 16.59
CA LYS A 253 6.26 0.23 16.39
C LYS A 253 7.24 -0.34 15.36
N LEU A 254 6.69 -0.83 14.29
CA LEU A 254 7.53 -1.27 13.18
C LEU A 254 8.21 -0.10 12.49
N ASP A 255 7.59 1.08 12.48
CA ASP A 255 8.19 2.24 11.84
C ASP A 255 9.43 2.68 12.61
N GLY A 256 10.53 2.88 11.89
CA GLY A 256 11.73 3.42 12.47
C GLY A 256 12.64 2.46 13.22
N THR A 257 12.21 1.24 13.54
CA THR A 257 13.10 0.29 14.18
C THR A 257 13.78 -0.60 13.14
N ALA A 258 15.04 -0.93 13.39
CA ALA A 258 15.77 -1.87 12.57
C ALA A 258 15.50 -3.32 12.96
N LYS A 259 14.66 -3.54 13.97
CA LYS A 259 14.38 -4.86 14.53
C LYS A 259 13.12 -5.49 13.97
N GLY A 260 12.55 -4.96 12.89
CA GLY A 260 11.29 -5.46 12.33
C GLY A 260 11.31 -6.92 11.96
N GLY A 261 12.48 -7.49 11.72
CA GLY A 261 12.60 -8.91 11.44
C GLY A 261 12.08 -9.81 12.54
N VAL A 262 11.86 -9.26 13.75
CA VAL A 262 11.28 -10.06 14.80
C VAL A 262 9.89 -10.60 14.41
N ILE A 263 9.22 -9.96 13.45
CA ILE A 263 7.91 -10.46 13.01
C ILE A 263 8.02 -11.90 12.52
N PHE A 264 9.15 -12.28 11.92
CA PHE A 264 9.30 -13.64 11.44
C PHE A 264 9.45 -14.62 12.58
N SER A 265 10.15 -14.21 13.64
CA SER A 265 10.28 -15.05 14.82
C SER A 265 8.94 -15.27 15.50
N VAL A 266 8.16 -14.20 15.66
CA VAL A 266 6.82 -14.31 16.25
C VAL A 266 5.93 -15.21 15.39
N ALA A 267 5.95 -15.01 14.07
CA ALA A 267 5.08 -15.79 13.19
C ALA A 267 5.46 -17.26 13.26
N ASP A 268 6.75 -17.56 13.14
CA ASP A 268 7.18 -18.95 13.00
C ASP A 268 7.09 -19.70 14.31
N GLN A 269 7.42 -19.04 15.43
CA GLN A 269 7.45 -19.74 16.71
C GLN A 269 6.07 -20.12 17.19
N PHE A 270 5.04 -19.33 16.87
CA PHE A 270 3.75 -19.54 17.49
C PHE A 270 2.61 -19.83 16.54
N GLY A 271 2.67 -19.36 15.30
CA GLY A 271 1.61 -19.66 14.36
C GLY A 271 0.29 -18.99 14.64
N ILE A 272 0.28 -17.97 15.50
CA ILE A 272 -0.91 -17.21 15.88
C ILE A 272 -1.10 -16.09 14.86
N PRO A 273 -2.31 -15.88 14.34
CA PRO A 273 -2.52 -14.78 13.40
C PRO A 273 -1.99 -13.45 13.91
N ILE A 274 -1.29 -12.74 13.04
CA ILE A 274 -0.94 -11.35 13.31
C ILE A 274 -2.07 -10.53 12.71
N ARG A 275 -2.85 -9.91 13.57
CA ARG A 275 -4.03 -9.19 13.13
C ARG A 275 -3.72 -7.82 12.60
N TYR A 276 -2.82 -7.10 13.27
CA TYR A 276 -2.50 -5.71 12.98
C TYR A 276 -1.01 -5.46 13.15
N ILE A 277 -0.48 -4.54 12.37
CA ILE A 277 0.86 -4.00 12.59
C ILE A 277 0.76 -2.49 12.77
N GLY A 278 1.53 -1.97 13.71
CA GLY A 278 1.59 -0.54 13.97
C GLY A 278 2.78 0.08 13.28
N VAL A 279 2.50 1.07 12.41
CA VAL A 279 3.55 1.70 11.63
C VAL A 279 3.54 3.22 11.72
N GLY A 280 3.00 3.76 12.78
CA GLY A 280 2.92 5.21 12.87
C GLY A 280 1.92 5.65 13.92
N GLU A 281 1.70 6.96 13.95
CA GLU A 281 0.91 7.57 15.00
C GLU A 281 -0.56 7.73 14.66
N ARG A 282 -0.95 7.69 13.38
CA ARG A 282 -2.36 7.89 13.12
C ARG A 282 -3.16 6.64 13.49
N ILE A 283 -4.46 6.86 13.73
CA ILE A 283 -5.41 5.76 13.89
C ILE A 283 -5.28 4.81 12.72
N GLU A 284 -5.20 5.36 11.50
CA GLU A 284 -5.17 4.54 10.30
C GLU A 284 -3.85 3.81 10.15
N ASP A 285 -2.84 4.19 10.91
CA ASP A 285 -1.52 3.57 10.87
C ASP A 285 -1.43 2.33 11.73
N LEU A 286 -2.52 1.96 12.41
CA LEU A 286 -2.67 0.59 12.90
C LEU A 286 -3.31 -0.14 11.74
N ARG A 287 -2.52 -0.91 11.01
CA ARG A 287 -2.95 -1.47 9.74
C ARG A 287 -3.28 -2.95 9.88
N PRO A 288 -4.34 -3.45 9.27
CA PRO A 288 -4.52 -4.91 9.18
C PRO A 288 -3.30 -5.52 8.53
N PHE A 289 -2.82 -6.59 9.13
CA PHE A 289 -1.62 -7.22 8.58
C PHE A 289 -1.93 -8.00 7.32
N LYS A 290 -1.19 -7.72 6.26
CA LYS A 290 -1.28 -8.43 4.99
CA LYS A 290 -1.27 -8.42 4.98
C LYS A 290 0.12 -8.94 4.64
N ALA A 291 0.28 -10.27 4.61
CA ALA A 291 1.61 -10.85 4.44
C ALA A 291 2.21 -10.52 3.08
N ASP A 292 1.39 -10.50 2.01
CA ASP A 292 1.96 -10.25 0.69
C ASP A 292 2.50 -8.84 0.60
N ASP A 293 1.71 -7.87 1.06
CA ASP A 293 2.18 -6.49 1.07
C ASP A 293 3.50 -6.39 1.83
N PHE A 294 3.57 -7.05 2.99
CA PHE A 294 4.74 -6.94 3.84
C PHE A 294 5.97 -7.51 3.15
N ILE A 295 5.86 -8.71 2.59
CA ILE A 295 7.03 -9.32 1.95
C ILE A 295 7.44 -8.55 0.72
N GLU A 296 6.47 -8.05 -0.07
CA GLU A 296 6.82 -7.26 -1.25
C GLU A 296 7.51 -5.96 -0.85
N ALA A 297 6.98 -5.28 0.18
CA ALA A 297 7.65 -4.07 0.67
C ALA A 297 9.07 -4.36 1.11
N LEU A 298 9.27 -5.45 1.85
CA LEU A 298 10.57 -5.78 2.37
C LEU A 298 11.57 -6.16 1.27
N PHE A 299 11.13 -6.96 0.30
CA PHE A 299 12.05 -7.54 -0.67
C PHE A 299 12.19 -6.74 -1.95
N ALA A 300 11.30 -5.79 -2.21
CA ALA A 300 11.39 -4.98 -3.42
C ALA A 300 12.52 -3.95 -3.32
N ARG A 301 13.19 -3.70 -4.44
CA ARG A 301 14.20 -2.65 -4.43
C ARG A 301 13.68 -1.33 -5.01
N GLU A 302 12.75 -1.41 -5.95
CA GLU A 302 12.04 -0.23 -6.44
C GLU A 302 11.21 0.37 -5.33
N ASP A 303 10.60 1.53 -5.62
CA ASP A 303 9.72 2.21 -4.67
C ASP A 303 8.30 2.40 -5.24
N GLY B 1 3.98 13.08 0.45
CA GLY B 1 3.17 11.94 0.86
C GLY B 1 1.70 12.09 0.57
N PHE B 2 0.88 11.21 1.17
CA PHE B 2 -0.56 11.26 0.94
C PHE B 2 -1.20 12.56 1.41
N ALA B 3 -0.73 13.15 2.52
CA ALA B 3 -1.36 14.36 3.04
C ALA B 3 -1.21 15.54 2.09
N ARG B 4 -0.02 15.70 1.50
CA ARG B 4 0.18 16.75 0.51
C ARG B 4 -0.72 16.50 -0.70
N LEU B 5 -0.86 15.23 -1.08
CA LEU B 5 -1.62 14.89 -2.27
C LEU B 5 -3.10 15.16 -2.09
N LYS B 6 -3.60 15.06 -0.85
CA LYS B 6 -5.02 15.32 -0.59
C LYS B 6 -5.47 16.66 -1.15
N ARG B 7 -4.63 17.68 -1.07
CA ARG B 7 -5.07 19.00 -1.47
C ARG B 7 -5.40 19.03 -2.96
N SER B 8 -4.61 18.33 -3.77
CA SER B 8 -4.85 18.27 -5.20
C SER B 8 -6.14 17.51 -5.57
N LEU B 9 -6.60 16.60 -4.72
CA LEU B 9 -7.70 15.70 -5.07
C LEU B 9 -9.04 16.08 -4.45
N LEU B 10 -9.15 17.27 -3.86
CA LEU B 10 -10.36 17.64 -3.13
C LEU B 10 -11.61 17.49 -3.97
N LYS B 11 -11.55 17.90 -5.24
CA LYS B 11 -12.74 17.84 -6.06
C LYS B 11 -13.14 16.40 -6.35
N THR B 12 -12.17 15.51 -6.53
CA THR B 12 -12.49 14.10 -6.68
C THR B 12 -13.02 13.50 -5.39
N LYS B 13 -12.52 13.97 -4.24
CA LYS B 13 -13.00 13.49 -2.96
C LYS B 13 -14.46 13.83 -2.68
N GLU B 14 -15.07 14.74 -3.43
CA GLU B 14 -16.49 14.98 -3.22
C GLU B 14 -17.33 13.72 -3.49
N ASN B 15 -16.89 12.87 -4.42
CA ASN B 15 -17.62 11.65 -4.77
C ASN B 15 -16.95 10.35 -4.34
N LEU B 16 -15.62 10.28 -4.32
CA LEU B 16 -14.92 9.05 -4.03
C LEU B 16 -14.20 9.18 -2.69
N GLY B 17 -13.91 8.05 -2.09
CA GLY B 17 -13.13 8.01 -0.86
C GLY B 17 -13.95 8.61 0.26
N SER B 18 -13.47 9.71 0.84
CA SER B 18 -14.20 10.37 1.92
C SER B 18 -15.57 10.87 1.47
N GLY B 19 -15.79 11.04 0.17
CA GLY B 19 -17.11 11.36 -0.34
C GLY B 19 -18.15 10.28 -0.14
N PHE B 20 -17.71 9.04 0.16
CA PHE B 20 -18.63 7.95 0.43
C PHE B 20 -19.25 8.05 1.83
N ILE B 21 -18.64 8.79 2.76
CA ILE B 21 -19.01 8.68 4.17
C ILE B 21 -20.47 9.10 4.37
N SER B 22 -20.86 10.25 3.80
CA SER B 22 -22.23 10.72 3.96
C SER B 22 -23.22 9.79 3.28
N LEU B 23 -22.81 9.10 2.22
CA LEU B 23 -23.70 8.16 1.55
C LEU B 23 -24.03 6.97 2.43
N PHE B 24 -23.06 6.50 3.23
CA PHE B 24 -23.27 5.30 4.02
C PHE B 24 -23.85 5.56 5.41
N ARG B 25 -23.76 6.77 5.93
CA ARG B 25 -24.05 7.02 7.34
CA ARG B 25 -24.05 7.01 7.34
C ARG B 25 -25.48 6.61 7.67
N GLY B 26 -25.61 5.81 8.73
CA GLY B 26 -26.91 5.41 9.25
C GLY B 26 -27.68 4.42 8.42
N LYS B 27 -27.11 3.90 7.35
CA LYS B 27 -27.83 3.05 6.42
C LYS B 27 -27.50 1.59 6.62
N LYS B 28 -28.41 0.74 6.14
CA LYS B 28 -28.23 -0.70 6.11
C LYS B 28 -27.69 -1.11 4.75
N ILE B 29 -27.10 -2.29 4.69
CA ILE B 29 -26.58 -2.84 3.45
C ILE B 29 -27.73 -3.56 2.76
N ASP B 30 -28.24 -2.97 1.67
CA ASP B 30 -29.29 -3.60 0.89
C ASP B 30 -29.15 -3.16 -0.56
N ASP B 31 -30.05 -3.67 -1.41
CA ASP B 31 -29.95 -3.40 -2.83
C ASP B 31 -30.07 -1.90 -3.13
N ASP B 32 -30.90 -1.17 -2.38
CA ASP B 32 -31.02 0.27 -2.59
C ASP B 32 -29.68 0.97 -2.39
N LEU B 33 -28.95 0.57 -1.36
CA LEU B 33 -27.64 1.18 -1.08
C LEU B 33 -26.70 0.96 -2.25
N PHE B 34 -26.65 -0.27 -2.76
CA PHE B 34 -25.70 -0.55 -3.83
C PHE B 34 -26.07 0.21 -5.09
N GLU B 35 -27.37 0.43 -5.32
CA GLU B 35 -27.76 1.22 -6.46
C GLU B 35 -27.31 2.67 -6.33
N GLU B 36 -27.45 3.27 -5.14
CA GLU B 36 -26.97 4.64 -4.95
C GLU B 36 -25.46 4.72 -5.11
N LEU B 37 -24.73 3.73 -4.57
CA LEU B 37 -23.28 3.71 -4.69
C LEU B 37 -22.85 3.55 -6.14
N GLU B 38 -23.53 2.68 -6.88
CA GLU B 38 -23.26 2.56 -8.31
C GLU B 38 -23.37 3.92 -9.01
N GLU B 39 -24.47 4.66 -8.76
CA GLU B 39 -24.60 5.93 -9.45
CA GLU B 39 -24.65 5.96 -9.40
C GLU B 39 -23.50 6.90 -9.04
N GLN B 40 -23.10 6.89 -7.77
CA GLN B 40 -22.02 7.81 -7.35
C GLN B 40 -20.69 7.45 -8.00
N LEU B 41 -20.38 6.15 -8.11
CA LEU B 41 -19.17 5.75 -8.81
C LEU B 41 -19.21 6.17 -10.27
N LEU B 42 -20.37 6.04 -10.93
CA LEU B 42 -20.41 6.41 -12.33
C LEU B 42 -20.25 7.91 -12.50
N ILE B 43 -20.89 8.71 -11.64
CA ILE B 43 -20.74 10.16 -11.74
C ILE B 43 -19.29 10.57 -11.55
N ALA B 44 -18.51 9.79 -10.77
CA ALA B 44 -17.10 10.09 -10.60
C ALA B 44 -16.23 9.60 -11.75
N ASP B 45 -16.82 9.12 -12.85
CA ASP B 45 -16.09 8.65 -14.03
C ASP B 45 -15.28 7.37 -13.79
N VAL B 46 -15.72 6.54 -12.84
CA VAL B 46 -15.07 5.26 -12.62
C VAL B 46 -15.26 4.26 -13.73
N GLY B 47 -16.27 4.43 -14.54
CA GLY B 47 -16.48 3.61 -15.72
C GLY B 47 -17.55 2.57 -15.49
N VAL B 48 -18.29 2.24 -16.54
CA VAL B 48 -19.41 1.31 -16.40
C VAL B 48 -18.91 -0.07 -15.96
N GLU B 49 -17.91 -0.60 -16.68
CA GLU B 49 -17.45 -1.96 -16.38
C GLU B 49 -16.72 -2.03 -15.05
N THR B 50 -15.87 -1.05 -14.77
CA THR B 50 -15.14 -1.04 -13.51
C THR B 50 -16.08 -0.85 -12.33
N THR B 51 -17.09 0.01 -12.49
CA THR B 51 -18.08 0.19 -11.44
C THR B 51 -18.83 -1.11 -11.19
N ARG B 52 -19.19 -1.81 -12.25
CA ARG B 52 -19.87 -3.09 -12.11
C ARG B 52 -19.03 -4.08 -11.31
N LYS B 53 -17.74 -4.16 -11.63
CA LYS B 53 -16.83 -5.04 -10.91
C LYS B 53 -16.73 -4.66 -9.43
N ILE B 54 -16.58 -3.38 -9.15
CA ILE B 54 -16.49 -2.93 -7.77
C ILE B 54 -17.75 -3.33 -7.00
N ILE B 55 -18.92 -3.05 -7.57
CA ILE B 55 -20.17 -3.32 -6.89
C ILE B 55 -20.34 -4.81 -6.65
N THR B 56 -20.03 -5.64 -7.65
CA THR B 56 -20.15 -7.09 -7.49
C THR B 56 -19.22 -7.60 -6.38
N ASN B 57 -17.97 -7.13 -6.36
CA ASN B 57 -17.02 -7.61 -5.36
C ASN B 57 -17.38 -7.09 -3.97
N LEU B 58 -17.90 -5.86 -3.89
CA LEU B 58 -18.33 -5.31 -2.61
C LEU B 58 -19.53 -6.08 -2.05
N THR B 59 -20.46 -6.44 -2.92
CA THR B 59 -21.63 -7.22 -2.52
C THR B 59 -21.21 -8.59 -1.98
N GLU B 60 -20.27 -9.24 -2.67
CA GLU B 60 -19.78 -10.55 -2.24
C GLU B 60 -18.97 -10.46 -0.96
N GLY B 61 -18.12 -9.44 -0.86
CA GLY B 61 -17.31 -9.31 0.35
C GLY B 61 -18.16 -9.01 1.56
N ALA B 62 -19.20 -8.21 1.39
CA ALA B 62 -20.04 -7.85 2.52
C ALA B 62 -20.79 -9.07 3.04
N SER B 63 -21.20 -9.96 2.14
CA SER B 63 -21.87 -11.19 2.55
C SER B 63 -20.90 -12.15 3.22
N ARG B 64 -19.73 -12.35 2.61
CA ARG B 64 -18.72 -13.23 3.19
C ARG B 64 -18.35 -12.82 4.61
N LYS B 65 -18.13 -11.51 4.83
CA LYS B 65 -17.72 -10.98 6.14
C LYS B 65 -18.91 -10.75 7.09
N GLN B 66 -20.12 -10.97 6.62
CA GLN B 66 -21.35 -10.81 7.41
C GLN B 66 -21.45 -9.41 8.00
N LEU B 67 -21.15 -8.41 7.17
CA LEU B 67 -21.35 -7.02 7.54
C LEU B 67 -22.84 -6.68 7.68
N ARG B 68 -23.13 -5.75 8.60
CA ARG B 68 -24.48 -5.29 8.90
C ARG B 68 -24.69 -3.83 8.52
N ASP B 69 -23.73 -2.97 8.85
CA ASP B 69 -23.85 -1.53 8.73
C ASP B 69 -23.19 -1.03 7.45
N ALA B 70 -23.86 -0.10 6.77
CA ALA B 70 -23.30 0.44 5.52
C ALA B 70 -21.94 1.09 5.76
N GLU B 71 -21.73 1.66 6.95
CA GLU B 71 -20.47 2.31 7.24
C GLU B 71 -19.29 1.37 7.06
N ALA B 72 -19.51 0.06 7.26
CA ALA B 72 -18.43 -0.92 7.13
C ALA B 72 -18.01 -1.11 5.69
N LEU B 73 -18.84 -0.70 4.75
CA LEU B 73 -18.46 -0.80 3.34
C LEU B 73 -17.30 0.12 2.99
N TYR B 74 -17.08 1.16 3.80
CA TYR B 74 -16.03 2.14 3.50
C TYR B 74 -14.68 1.46 3.42
N GLY B 75 -14.33 0.68 4.44
CA GLY B 75 -13.08 -0.02 4.42
C GLY B 75 -12.97 -1.04 3.31
N LEU B 76 -14.08 -1.73 3.01
CA LEU B 76 -14.06 -2.70 1.92
C LEU B 76 -13.83 -2.01 0.58
N LEU B 77 -14.44 -0.85 0.37
CA LEU B 77 -14.22 -0.10 -0.86
C LEU B 77 -12.77 0.37 -0.96
N LYS B 78 -12.21 0.86 0.15
CA LYS B 78 -10.82 1.28 0.15
C LYS B 78 -9.93 0.14 -0.27
N GLU B 79 -10.23 -1.08 0.17
CA GLU B 79 -9.42 -2.23 -0.20
CA GLU B 79 -9.43 -2.24 -0.20
C GLU B 79 -9.61 -2.60 -1.67
N GLU B 80 -10.87 -2.61 -2.14
CA GLU B 80 -11.16 -2.97 -3.53
C GLU B 80 -10.57 -1.96 -4.50
N MET B 81 -10.80 -0.67 -4.24
CA MET B 81 -10.27 0.35 -5.14
C MET B 81 -8.76 0.46 -5.01
N GLY B 82 -8.23 0.18 -3.81
CA GLY B 82 -6.79 0.16 -3.67
C GLY B 82 -6.14 -0.96 -4.47
N GLU B 83 -6.83 -2.11 -4.55
CA GLU B 83 -6.29 -3.23 -5.32
C GLU B 83 -6.25 -2.88 -6.81
N ILE B 84 -7.27 -2.19 -7.31
CA ILE B 84 -7.26 -1.76 -8.72
C ILE B 84 -6.00 -0.97 -9.03
N LEU B 85 -5.66 0.00 -8.17
CA LEU B 85 -4.48 0.83 -8.45
C LEU B 85 -3.19 0.09 -8.14
N ALA B 86 -3.18 -0.80 -7.14
CA ALA B 86 -1.93 -1.50 -6.81
C ALA B 86 -1.44 -2.31 -8.00
N LYS B 87 -2.36 -2.78 -8.84
CA LYS B 87 -1.98 -3.57 -9.99
C LYS B 87 -1.24 -2.76 -11.06
N VAL B 88 -1.33 -1.42 -11.01
CA VAL B 88 -0.66 -0.57 -12.01
C VAL B 88 0.35 0.35 -11.33
N ASP B 89 0.94 -0.08 -10.21
CA ASP B 89 1.79 0.77 -9.38
C ASP B 89 3.29 0.57 -9.58
N GLU B 90 3.71 -0.11 -10.66
CA GLU B 90 5.14 -0.28 -10.94
C GLU B 90 5.80 1.02 -11.36
N PRO B 91 6.81 1.51 -10.65
CA PRO B 91 7.47 2.76 -11.04
C PRO B 91 8.27 2.59 -12.33
N LEU B 92 8.37 3.68 -13.09
CA LEU B 92 9.29 3.71 -14.24
C LEU B 92 10.74 3.79 -13.77
N ASN B 93 11.58 2.87 -14.25
CA ASN B 93 13.01 2.94 -14.01
C ASN B 93 13.72 3.06 -15.35
N VAL B 94 14.43 4.18 -15.56
CA VAL B 94 15.03 4.45 -16.86
C VAL B 94 16.53 4.13 -16.86
N GLU B 95 17.04 3.48 -15.82
CA GLU B 95 18.47 3.23 -15.72
C GLU B 95 18.94 2.12 -16.64
N GLY B 96 20.23 2.17 -16.97
CA GLY B 96 20.93 1.02 -17.49
C GLY B 96 20.89 0.80 -18.99
N LYS B 97 20.44 1.77 -19.76
CA LYS B 97 20.35 1.58 -21.21
C LYS B 97 21.09 2.73 -21.89
N ALA B 98 21.32 2.58 -23.19
CA ALA B 98 22.23 3.44 -23.92
C ALA B 98 21.70 3.80 -25.30
N PRO B 99 20.65 4.63 -25.37
CA PRO B 99 19.83 5.20 -24.30
C PRO B 99 18.61 4.36 -23.97
N PHE B 100 18.00 4.66 -22.82
CA PHE B 100 16.63 4.24 -22.55
C PHE B 100 15.73 5.15 -23.37
N VAL B 101 14.92 4.58 -24.25
CA VAL B 101 14.06 5.34 -25.16
C VAL B 101 12.63 5.35 -24.64
N ILE B 102 12.10 6.56 -24.42
CA ILE B 102 10.68 6.74 -24.13
C ILE B 102 10.03 7.31 -25.37
N LEU B 103 9.06 6.57 -25.91
CA LEU B 103 8.22 7.06 -27.01
C LEU B 103 6.95 7.62 -26.40
N MET B 104 6.74 8.93 -26.54
CA MET B 104 5.60 9.60 -25.94
C MET B 104 4.48 9.65 -26.98
N VAL B 105 3.37 8.97 -26.69
CA VAL B 105 2.23 8.92 -27.59
C VAL B 105 1.01 9.53 -26.90
N GLY B 106 0.01 9.89 -27.71
CA GLY B 106 -1.21 10.50 -27.24
C GLY B 106 -1.69 11.56 -28.20
N VAL B 107 -2.88 12.08 -27.94
CA VAL B 107 -3.46 13.09 -28.80
C VAL B 107 -2.91 14.47 -28.41
N ASN B 108 -3.11 15.45 -29.28
CA ASN B 108 -2.71 16.80 -28.95
C ASN B 108 -3.64 17.41 -27.91
N GLY B 109 -3.09 18.30 -27.08
CA GLY B 109 -3.85 19.07 -26.14
C GLY B 109 -4.11 18.43 -24.80
N VAL B 110 -3.44 17.33 -24.46
CA VAL B 110 -3.67 16.63 -23.20
C VAL B 110 -2.45 16.63 -22.28
N GLY B 111 -1.37 17.29 -22.67
CA GLY B 111 -0.20 17.42 -21.83
C GLY B 111 1.06 16.72 -22.29
N LYS B 112 1.10 16.16 -23.51
CA LYS B 112 2.29 15.41 -23.94
C LYS B 112 3.57 16.26 -23.96
N THR B 113 3.58 17.38 -24.68
CA THR B 113 4.80 18.16 -24.80
C THR B 113 5.24 18.68 -23.43
N THR B 114 4.29 19.20 -22.65
CA THR B 114 4.55 19.64 -21.29
C THR B 114 5.20 18.56 -20.46
N THR B 115 4.66 17.34 -20.56
CA THR B 115 5.18 16.22 -19.76
C THR B 115 6.60 15.88 -20.16
N ILE B 116 6.91 15.96 -21.47
CA ILE B 116 8.28 15.74 -21.90
C ILE B 116 9.23 16.70 -21.20
N GLY B 117 8.89 17.99 -21.19
CA GLY B 117 9.77 18.97 -20.58
C GLY B 117 9.95 18.72 -19.09
N LYS B 118 8.85 18.40 -18.40
CA LYS B 118 8.92 18.10 -16.98
C LYS B 118 9.80 16.87 -16.71
N LEU B 119 9.58 15.79 -17.46
CA LEU B 119 10.39 14.60 -17.27
C LEU B 119 11.87 14.87 -17.58
N ALA B 120 12.13 15.58 -18.67
CA ALA B 120 13.52 15.87 -19.03
C ALA B 120 14.22 16.62 -17.90
N ARG B 121 13.56 17.62 -17.33
CA ARG B 121 14.17 18.39 -16.26
C ARG B 121 14.35 17.53 -15.02
N GLN B 122 13.34 16.72 -14.68
CA GLN B 122 13.46 15.83 -13.54
C GLN B 122 14.60 14.82 -13.70
N PHE B 123 14.71 14.19 -14.87
CA PHE B 123 15.81 13.25 -15.05
C PHE B 123 17.17 13.95 -15.00
N GLU B 124 17.28 15.14 -15.58
CA GLU B 124 18.53 15.90 -15.54
C GLU B 124 18.85 16.37 -14.13
N GLN B 125 17.82 16.77 -13.36
CA GLN B 125 18.07 17.16 -11.97
C GLN B 125 18.60 15.99 -11.17
N GLN B 126 18.30 14.77 -11.60
CA GLN B 126 18.81 13.55 -11.01
C GLN B 126 20.20 13.19 -11.49
N GLY B 127 20.77 13.93 -12.43
CA GLY B 127 22.09 13.60 -12.92
C GLY B 127 22.13 12.73 -14.15
N LYS B 128 21.00 12.44 -14.77
CA LYS B 128 20.98 11.64 -16.00
C LYS B 128 21.17 12.57 -17.19
N SER B 129 21.84 12.07 -18.22
CA SER B 129 21.97 12.82 -19.46
C SER B 129 20.74 12.52 -20.31
N VAL B 130 20.12 13.57 -20.81
CA VAL B 130 18.87 13.47 -21.54
C VAL B 130 19.07 14.09 -22.91
N MET B 131 18.36 13.53 -23.89
CA MET B 131 18.25 14.09 -25.24
C MET B 131 16.77 14.02 -25.61
N LEU B 132 16.31 15.01 -26.38
CA LEU B 132 14.92 15.03 -26.85
C LEU B 132 14.89 14.90 -28.37
N ALA B 133 13.88 14.21 -28.88
CA ALA B 133 13.65 14.08 -30.32
C ALA B 133 12.32 14.73 -30.66
N ALA B 134 12.35 15.70 -31.56
CA ALA B 134 11.16 16.49 -31.89
C ALA B 134 10.42 15.82 -33.03
N GLY B 135 9.72 14.74 -32.69
CA GLY B 135 9.05 13.92 -33.68
C GLY B 135 7.64 14.34 -34.05
N ASP B 136 7.12 15.41 -33.44
CA ASP B 136 5.83 16.01 -33.88
C ASP B 136 6.18 17.02 -34.97
N THR B 137 6.52 16.49 -36.15
CA THR B 137 7.33 17.24 -37.09
C THR B 137 6.56 18.27 -37.88
N PHE B 138 5.24 18.20 -37.89
CA PHE B 138 4.44 19.20 -38.61
C PHE B 138 3.94 20.32 -37.71
N ARG B 139 4.22 20.29 -36.42
CA ARG B 139 3.74 21.32 -35.51
C ARG B 139 4.95 22.11 -35.02
N ALA B 140 5.23 23.22 -35.69
CA ALA B 140 6.42 23.99 -35.39
C ALA B 140 6.41 24.48 -33.95
N ALA B 141 5.23 24.80 -33.40
CA ALA B 141 5.18 25.28 -32.03
C ALA B 141 5.60 24.19 -31.04
N ALA B 142 5.29 22.93 -31.35
CA ALA B 142 5.72 21.84 -30.46
C ALA B 142 7.23 21.62 -30.57
N VAL B 143 7.78 21.65 -31.78
CA VAL B 143 9.21 21.56 -31.95
C VAL B 143 9.91 22.69 -31.21
N GLU B 144 9.44 23.92 -31.43
CA GLU B 144 10.07 25.06 -30.76
C GLU B 144 10.00 24.92 -29.25
N GLN B 145 8.87 24.44 -28.71
CA GLN B 145 8.77 24.32 -27.27
C GLN B 145 9.83 23.37 -26.74
N LEU B 146 10.09 22.28 -27.46
CA LEU B 146 11.14 21.36 -27.02
C LEU B 146 12.51 22.02 -27.11
N GLN B 147 12.75 22.80 -28.18
CA GLN B 147 14.01 23.52 -28.33
C GLN B 147 14.21 24.53 -27.22
N VAL B 148 13.12 25.19 -26.77
CA VAL B 148 13.21 26.15 -25.66
C VAL B 148 13.68 25.44 -24.39
N TRP B 149 13.06 24.31 -24.07
CA TRP B 149 13.48 23.54 -22.89
C TRP B 149 14.92 23.05 -23.05
N GLY B 150 15.28 22.58 -24.22
CA GLY B 150 16.66 22.15 -24.41
C GLY B 150 17.66 23.27 -24.23
N GLN B 151 17.36 24.45 -24.76
CA GLN B 151 18.30 25.56 -24.66
C GLN B 151 18.43 26.03 -23.21
N ARG B 152 17.31 26.14 -22.50
CA ARG B 152 17.35 26.62 -21.11
C ARG B 152 18.12 25.66 -20.21
N ASN B 153 18.15 24.38 -20.56
CA ASN B 153 18.68 23.36 -19.66
C ASN B 153 19.92 22.68 -20.23
N ASN B 154 20.45 23.16 -21.34
CA ASN B 154 21.60 22.55 -22.00
C ASN B 154 21.36 21.05 -22.22
N ILE B 155 20.21 20.74 -22.81
CA ILE B 155 19.78 19.40 -23.20
C ILE B 155 19.69 19.38 -24.72
N PRO B 156 20.38 18.48 -25.42
CA PRO B 156 20.31 18.48 -26.89
C PRO B 156 18.94 18.08 -27.39
N VAL B 157 18.53 18.75 -28.47
CA VAL B 157 17.23 18.49 -29.11
C VAL B 157 17.48 18.21 -30.58
N ILE B 158 17.04 17.04 -31.04
CA ILE B 158 17.17 16.62 -32.43
C ILE B 158 15.88 17.00 -33.16
N ALA B 159 16.01 17.81 -34.20
CA ALA B 159 14.87 18.33 -34.92
C ALA B 159 15.25 18.52 -36.38
N GLN B 160 14.24 18.44 -37.24
CA GLN B 160 14.38 18.74 -38.66
C GLN B 160 13.31 19.76 -39.03
N HIS B 161 13.33 20.16 -40.31
CA HIS B 161 12.41 21.17 -40.79
C HIS B 161 10.95 20.74 -40.65
N THR B 162 10.06 21.74 -40.64
CA THR B 162 8.64 21.47 -40.56
C THR B 162 8.23 20.54 -41.70
N GLY B 163 7.56 19.45 -41.34
CA GLY B 163 7.15 18.46 -42.30
C GLY B 163 8.10 17.31 -42.55
N ALA B 164 9.22 17.23 -41.81
CA ALA B 164 10.15 16.14 -41.94
C ALA B 164 9.50 14.83 -41.54
N ASP B 165 10.11 13.73 -41.96
CA ASP B 165 9.63 12.40 -41.60
C ASP B 165 9.96 12.14 -40.14
N SER B 166 8.92 11.88 -39.33
CA SER B 166 9.13 11.68 -37.90
C SER B 166 10.01 10.47 -37.62
N ALA B 167 9.89 9.40 -38.41
CA ALA B 167 10.72 8.23 -38.15
C ALA B 167 12.19 8.53 -38.44
N SER B 168 12.46 9.41 -39.41
CA SER B 168 13.84 9.85 -39.69
CA SER B 168 13.85 9.80 -39.67
C SER B 168 14.41 10.67 -38.54
N VAL B 169 13.63 11.62 -38.04
CA VAL B 169 14.07 12.40 -36.89
C VAL B 169 14.41 11.49 -35.72
N ILE B 170 13.53 10.53 -35.44
CA ILE B 170 13.75 9.72 -34.24
C ILE B 170 14.89 8.72 -34.48
N PHE B 171 15.04 8.19 -35.70
CA PHE B 171 16.22 7.38 -36.02
C PHE B 171 17.51 8.17 -35.80
N ASP B 172 17.56 9.39 -36.33
CA ASP B 172 18.76 10.21 -36.17
C ASP B 172 19.02 10.48 -34.69
N ALA B 173 17.94 10.66 -33.92
CA ALA B 173 18.10 10.95 -32.50
C ALA B 173 18.65 9.74 -31.75
N ILE B 174 18.19 8.53 -32.08
CA ILE B 174 18.76 7.37 -31.41
C ILE B 174 20.24 7.22 -31.78
N GLN B 175 20.60 7.42 -33.04
CA GLN B 175 22.01 7.33 -33.42
C GLN B 175 22.84 8.36 -32.65
N ALA B 176 22.35 9.60 -32.53
CA ALA B 176 23.07 10.64 -31.80
C ALA B 176 23.16 10.31 -30.32
N ALA B 177 22.10 9.76 -29.75
CA ALA B 177 22.12 9.38 -28.35
C ALA B 177 23.19 8.33 -28.08
N LYS B 178 23.30 7.33 -28.95
CA LYS B 178 24.33 6.32 -28.75
C LYS B 178 25.72 6.94 -28.89
N ALA B 179 25.90 7.84 -29.87
CA ALA B 179 27.21 8.44 -30.09
C ALA B 179 27.64 9.29 -28.91
N ARG B 180 26.68 9.93 -28.24
CA ARG B 180 26.96 10.88 -27.18
C ARG B 180 26.75 10.30 -25.78
N ASN B 181 26.54 9.00 -25.66
CA ASN B 181 26.49 8.35 -24.34
C ASN B 181 25.33 8.88 -23.51
N ILE B 182 24.21 9.16 -24.19
CA ILE B 182 23.00 9.65 -23.53
C ILE B 182 22.31 8.55 -22.75
N ASP B 183 21.83 8.87 -21.53
CA ASP B 183 21.12 7.89 -20.71
C ASP B 183 19.64 7.71 -21.11
N VAL B 184 18.95 8.81 -21.41
CA VAL B 184 17.52 8.78 -21.69
C VAL B 184 17.22 9.65 -22.90
N LEU B 185 16.54 9.05 -23.89
CA LEU B 185 16.04 9.76 -25.07
C LEU B 185 14.54 9.80 -24.98
N ILE B 186 13.95 10.99 -25.01
CA ILE B 186 12.48 11.15 -24.98
C ILE B 186 12.04 11.65 -26.34
N ALA B 187 11.21 10.85 -27.02
CA ALA B 187 10.73 11.16 -28.37
C ALA B 187 9.27 11.64 -28.34
N ASP B 188 9.07 12.87 -28.77
CA ASP B 188 7.75 13.43 -29.07
C ASP B 188 7.20 12.83 -30.36
N THR B 189 5.87 12.83 -30.46
CA THR B 189 5.18 12.32 -31.63
C THR B 189 3.98 13.19 -31.96
N ALA B 190 3.47 12.98 -33.17
CA ALA B 190 2.24 13.64 -33.60
C ALA B 190 1.05 13.15 -32.78
N GLY B 191 -0.03 13.93 -32.82
CA GLY B 191 -1.22 13.60 -32.03
C GLY B 191 -2.52 13.98 -32.70
N ARG B 192 -2.54 14.03 -34.01
CA ARG B 192 -3.77 14.38 -34.73
C ARG B 192 -4.70 13.18 -34.83
N LEU B 193 -5.93 13.33 -34.36
CA LEU B 193 -6.96 12.32 -34.45
C LEU B 193 -7.81 12.39 -35.71
N GLN B 194 -7.71 13.47 -36.49
CA GLN B 194 -8.57 13.59 -37.69
C GLN B 194 -8.50 12.34 -38.56
N ASN B 195 -7.32 11.80 -38.80
CA ASN B 195 -7.15 10.59 -39.61
C ASN B 195 -6.43 9.59 -38.70
N LYS B 196 -7.19 8.90 -37.85
CA LYS B 196 -6.56 8.08 -36.82
C LYS B 196 -5.70 6.97 -37.43
N SER B 197 -6.09 6.45 -38.58
CA SER B 197 -5.30 5.39 -39.20
C SER B 197 -3.94 5.92 -39.62
N HIS B 198 -3.89 7.14 -40.14
CA HIS B 198 -2.61 7.74 -40.52
CA HIS B 198 -2.62 7.77 -40.51
C HIS B 198 -1.69 7.88 -39.30
N LEU B 199 -2.24 8.34 -38.16
CA LEU B 199 -1.40 8.47 -36.97
C LEU B 199 -0.89 7.13 -36.50
N MET B 200 -1.76 6.13 -36.42
CA MET B 200 -1.31 4.83 -35.93
C MET B 200 -0.25 4.23 -36.84
N GLU B 201 -0.39 4.41 -38.16
CA GLU B 201 0.63 3.93 -39.08
C GLU B 201 1.95 4.67 -38.88
N GLU B 202 1.89 5.97 -38.63
CA GLU B 202 3.09 6.75 -38.36
C GLU B 202 3.81 6.21 -37.14
N LEU B 203 3.06 5.90 -36.08
CA LEU B 203 3.69 5.41 -34.85
C LEU B 203 4.29 4.02 -35.08
N LYS B 204 3.58 3.15 -35.82
CA LYS B 204 4.13 1.82 -36.09
C LYS B 204 5.41 1.90 -36.91
N LYS B 205 5.49 2.87 -37.84
CA LYS B 205 6.71 3.06 -38.62
C LYS B 205 7.85 3.51 -37.71
N ILE B 206 7.56 4.43 -36.79
CA ILE B 206 8.58 4.88 -35.86
C ILE B 206 9.14 3.69 -35.09
N VAL B 207 8.26 2.84 -34.58
CA VAL B 207 8.71 1.71 -33.79
C VAL B 207 9.55 0.76 -34.65
N ARG B 208 9.11 0.49 -35.89
CA ARG B 208 9.89 -0.39 -36.77
C ARG B 208 11.30 0.16 -36.99
N VAL B 209 11.40 1.47 -37.22
CA VAL B 209 12.70 2.08 -37.43
C VAL B 209 13.57 2.01 -36.17
N MET B 210 12.98 2.21 -35.00
CA MET B 210 13.74 2.09 -33.76
C MET B 210 14.33 0.71 -33.63
N LYS B 211 13.56 -0.33 -33.97
CA LYS B 211 14.00 -1.70 -33.76
C LYS B 211 15.21 -2.06 -34.62
N LYS B 212 15.43 -1.34 -35.73
CA LYS B 212 16.63 -1.59 -36.53
C LYS B 212 17.89 -1.19 -35.78
N LEU B 213 17.77 -0.25 -34.86
CA LEU B 213 18.91 0.20 -34.09
C LEU B 213 19.05 -0.50 -32.76
N ASP B 214 17.93 -0.90 -32.15
CA ASP B 214 17.95 -1.58 -30.85
C ASP B 214 16.63 -2.32 -30.71
N VAL B 215 16.67 -3.65 -30.65
CA VAL B 215 15.41 -4.41 -30.62
C VAL B 215 14.63 -4.12 -29.33
N GLU B 216 15.29 -3.62 -28.28
CA GLU B 216 14.60 -3.24 -27.05
C GLU B 216 13.91 -1.87 -27.16
N ALA B 217 14.24 -1.08 -28.16
CA ALA B 217 13.62 0.25 -28.28
C ALA B 217 12.29 0.16 -29.00
N PRO B 218 11.29 0.94 -28.57
CA PRO B 218 11.31 1.81 -27.39
C PRO B 218 11.17 1.04 -26.09
N HIS B 219 11.96 1.41 -25.07
CA HIS B 219 11.89 0.71 -23.79
C HIS B 219 10.60 1.02 -23.06
N GLU B 220 10.04 2.21 -23.27
CA GLU B 220 8.78 2.62 -22.69
C GLU B 220 7.98 3.28 -23.80
N VAL B 221 6.75 2.82 -23.95
CA VAL B 221 5.76 3.51 -24.78
C VAL B 221 4.82 4.17 -23.80
N MET B 222 4.93 5.48 -23.66
CA MET B 222 4.25 6.23 -22.60
C MET B 222 3.09 7.01 -23.21
N LEU B 223 1.88 6.68 -22.79
CA LEU B 223 0.69 7.47 -23.13
C LEU B 223 0.55 8.64 -22.17
N THR B 224 0.20 9.82 -22.70
CA THR B 224 -0.26 10.92 -21.87
C THR B 224 -1.74 11.11 -22.12
N ILE B 225 -2.53 11.10 -21.05
CA ILE B 225 -3.95 11.38 -21.11
C ILE B 225 -4.30 12.36 -20.01
N ASP B 226 -5.44 13.04 -20.21
CA ASP B 226 -5.87 14.19 -19.41
C ASP B 226 -7.10 13.77 -18.62
N ALA B 227 -6.97 13.77 -17.27
CA ALA B 227 -8.05 13.29 -16.43
C ALA B 227 -9.33 14.11 -16.62
N SER B 228 -9.20 15.39 -16.97
CA SER B 228 -10.37 16.25 -17.12
C SER B 228 -11.19 15.90 -18.36
N THR B 229 -10.69 15.02 -19.24
CA THR B 229 -11.45 14.56 -20.41
C THR B 229 -12.29 13.32 -20.12
N GLY B 230 -12.32 12.86 -18.88
CA GLY B 230 -13.22 11.76 -18.54
C GLY B 230 -12.91 10.52 -19.34
N GLN B 231 -13.98 9.84 -19.78
CA GLN B 231 -13.75 8.58 -20.46
C GLN B 231 -13.11 8.74 -21.84
N ASN B 232 -12.96 9.98 -22.34
CA ASN B 232 -12.14 10.17 -23.54
C ASN B 232 -10.72 9.68 -23.29
N ALA B 233 -10.25 9.77 -22.06
CA ALA B 233 -8.94 9.23 -21.74
C ALA B 233 -8.89 7.72 -21.94
N VAL B 234 -9.98 7.03 -21.60
CA VAL B 234 -10.02 5.58 -21.79
C VAL B 234 -10.06 5.22 -23.27
N SER B 235 -10.89 5.92 -24.06
CA SER B 235 -10.95 5.56 -25.47
C SER B 235 -9.64 5.89 -26.19
N GLN B 236 -8.96 6.96 -25.79
CA GLN B 236 -7.62 7.23 -26.31
C GLN B 236 -6.64 6.11 -25.95
N ALA B 237 -6.65 5.67 -24.69
CA ALA B 237 -5.73 4.60 -24.31
C ALA B 237 -5.95 3.34 -25.13
N LYS B 238 -7.22 2.97 -25.38
CA LYS B 238 -7.50 1.78 -26.17
C LYS B 238 -6.96 1.92 -27.59
N LEU B 239 -7.14 3.09 -28.20
CA LEU B 239 -6.63 3.33 -29.54
C LEU B 239 -5.12 3.14 -29.62
N PHE B 240 -4.35 3.76 -28.71
CA PHE B 240 -2.90 3.69 -28.83
C PHE B 240 -2.39 2.31 -28.41
N HIS B 241 -3.04 1.69 -27.43
CA HIS B 241 -2.62 0.39 -26.94
C HIS B 241 -2.73 -0.68 -28.04
N GLU B 242 -3.80 -0.62 -28.83
CA GLU B 242 -3.93 -1.60 -29.92
C GLU B 242 -2.94 -1.34 -31.07
N ALA B 243 -2.50 -0.10 -31.27
CA ALA B 243 -1.61 0.20 -32.38
C ALA B 243 -0.17 -0.18 -32.10
N VAL B 244 0.37 0.28 -30.97
CA VAL B 244 1.78 0.06 -30.68
C VAL B 244 2.01 -0.66 -29.36
N GLY B 245 1.01 -0.74 -28.49
CA GLY B 245 1.25 -1.39 -27.22
C GLY B 245 1.85 -0.46 -26.20
N LEU B 246 1.03 0.00 -25.27
CA LEU B 246 1.52 0.86 -24.20
C LEU B 246 2.24 0.07 -23.12
N THR B 247 3.24 0.71 -22.52
CA THR B 247 3.88 0.16 -21.32
C THR B 247 3.81 1.08 -20.12
N GLY B 248 3.41 2.34 -20.28
CA GLY B 248 3.20 3.20 -19.14
C GLY B 248 2.23 4.31 -19.47
N ILE B 249 1.68 4.93 -18.43
CA ILE B 249 0.71 6.01 -18.59
C ILE B 249 1.06 7.16 -17.68
N THR B 250 0.95 8.38 -18.20
CA THR B 250 0.95 9.61 -17.41
C THR B 250 -0.45 10.20 -17.49
N LEU B 251 -1.05 10.46 -16.34
CA LEU B 251 -2.41 11.02 -16.27
C LEU B 251 -2.28 12.43 -15.71
N THR B 252 -2.60 13.42 -16.54
CA THR B 252 -2.42 14.81 -16.18
C THR B 252 -3.71 15.44 -15.66
N LYS B 253 -3.56 16.61 -15.07
CA LYS B 253 -4.68 17.51 -14.74
C LYS B 253 -5.65 16.87 -13.75
N LEU B 254 -5.09 16.12 -12.80
CA LEU B 254 -5.90 15.61 -11.70
C LEU B 254 -6.36 16.70 -10.77
N ASP B 255 -5.57 17.76 -10.64
CA ASP B 255 -5.91 18.86 -9.74
C ASP B 255 -7.14 19.58 -10.27
N GLY B 256 -8.14 19.75 -9.43
CA GLY B 256 -9.29 20.55 -9.78
C GLY B 256 -10.37 19.90 -10.61
N THR B 257 -10.13 18.73 -11.20
CA THR B 257 -11.21 18.05 -11.90
C THR B 257 -11.92 17.13 -10.91
N ALA B 258 -13.23 17.06 -11.03
CA ALA B 258 -13.99 16.11 -10.24
C ALA B 258 -14.02 14.75 -10.91
N LYS B 259 -13.35 14.60 -12.06
CA LYS B 259 -13.36 13.37 -12.84
C LYS B 259 -12.16 12.48 -12.55
N GLY B 260 -11.45 12.75 -11.45
CA GLY B 260 -10.28 11.97 -11.07
C GLY B 260 -10.52 10.48 -10.95
N GLY B 261 -11.76 10.05 -10.72
CA GLY B 261 -12.09 8.62 -10.70
C GLY B 261 -11.79 7.88 -11.99
N VAL B 262 -11.58 8.59 -13.10
CA VAL B 262 -11.19 7.94 -14.34
C VAL B 262 -9.90 7.16 -14.18
N ILE B 263 -9.08 7.49 -13.19
CA ILE B 263 -7.86 6.72 -12.97
C ILE B 263 -8.19 5.24 -12.72
N PHE B 264 -9.33 4.96 -12.07
CA PHE B 264 -9.71 3.58 -11.80
C PHE B 264 -10.14 2.87 -13.07
N SER B 265 -10.81 3.60 -13.96
CA SER B 265 -11.23 3.05 -15.24
C SER B 265 -10.01 2.70 -16.09
N VAL B 266 -9.04 3.62 -16.16
CA VAL B 266 -7.81 3.39 -16.91
C VAL B 266 -7.04 2.20 -16.33
N ALA B 267 -6.92 2.16 -15.01
CA ALA B 267 -6.18 1.08 -14.38
C ALA B 267 -6.85 -0.26 -14.65
N ASP B 268 -8.16 -0.33 -14.43
CA ASP B 268 -8.86 -1.61 -14.50
C ASP B 268 -9.02 -2.11 -15.94
N GLN B 269 -9.26 -1.21 -16.89
CA GLN B 269 -9.50 -1.64 -18.26
C GLN B 269 -8.24 -2.20 -18.92
N PHE B 270 -7.06 -1.65 -18.59
CA PHE B 270 -5.86 -2.00 -19.36
C PHE B 270 -4.74 -2.66 -18.56
N GLY B 271 -4.63 -2.42 -17.27
CA GLY B 271 -3.58 -3.06 -16.50
C GLY B 271 -2.20 -2.55 -16.80
N ILE B 272 -2.10 -1.40 -17.46
CA ILE B 272 -0.82 -0.79 -17.79
C ILE B 272 -0.36 0.11 -16.65
N PRO B 273 0.90 0.02 -16.22
CA PRO B 273 1.38 0.89 -15.13
C PRO B 273 1.08 2.35 -15.36
N ILE B 274 0.59 3.01 -14.31
CA ILE B 274 0.47 4.48 -14.26
C ILE B 274 1.78 4.97 -13.65
N ARG B 275 2.61 5.63 -14.45
CA ARG B 275 3.94 6.01 -14.02
C ARG B 275 3.98 7.33 -13.26
N TYR B 276 3.17 8.29 -13.73
CA TYR B 276 3.18 9.66 -13.22
C TYR B 276 1.75 10.17 -13.19
N ILE B 277 1.47 11.04 -12.23
CA ILE B 277 0.26 11.84 -12.20
C ILE B 277 0.61 13.32 -12.15
N GLY B 278 -0.16 14.12 -12.89
CA GLY B 278 0.03 15.56 -12.90
C GLY B 278 -0.99 16.22 -12.00
N VAL B 279 -0.50 17.05 -11.09
CA VAL B 279 -1.35 17.77 -10.13
C VAL B 279 -1.12 19.28 -10.19
N GLY B 280 -0.62 19.78 -11.30
CA GLY B 280 -0.38 21.21 -11.42
C GLY B 280 0.53 21.51 -12.60
N GLU B 281 0.82 22.81 -12.75
CA GLU B 281 1.54 23.25 -13.95
C GLU B 281 3.04 23.29 -13.77
N ARG B 282 3.54 23.21 -12.55
CA ARG B 282 4.97 23.28 -12.33
C ARG B 282 5.64 21.94 -12.63
N ILE B 283 6.95 21.99 -12.85
CA ILE B 283 7.77 20.79 -13.01
C ILE B 283 7.53 19.83 -11.83
N GLU B 284 7.55 20.38 -10.61
CA GLU B 284 7.43 19.54 -9.42
C GLU B 284 6.05 18.93 -9.25
N ASP B 285 5.06 19.38 -10.01
CA ASP B 285 3.71 18.86 -9.90
C ASP B 285 3.46 17.61 -10.75
N LEU B 286 4.45 17.17 -11.52
CA LEU B 286 4.43 15.86 -12.15
C LEU B 286 5.08 14.87 -11.18
N ARG B 287 4.27 14.07 -10.55
CA ARG B 287 4.70 13.23 -9.44
C ARG B 287 4.75 11.76 -9.86
N PRO B 288 5.77 11.02 -9.47
CA PRO B 288 5.69 9.56 -9.63
C PRO B 288 4.43 9.05 -8.96
N PHE B 289 3.71 8.16 -9.65
CA PHE B 289 2.45 7.66 -9.10
C PHE B 289 2.70 6.64 -8.02
N LYS B 290 2.07 6.83 -6.85
CA LYS B 290 2.12 5.89 -5.73
C LYS B 290 0.69 5.56 -5.37
N ALA B 291 0.26 4.35 -5.72
CA ALA B 291 -1.14 3.97 -5.59
C ALA B 291 -1.59 4.06 -4.15
N ASP B 292 -0.73 3.68 -3.20
CA ASP B 292 -1.12 3.72 -1.80
C ASP B 292 -1.27 5.16 -1.31
N ASP B 293 -0.35 6.05 -1.70
CA ASP B 293 -0.56 7.46 -1.38
C ASP B 293 -1.88 7.95 -1.95
N PHE B 294 -2.19 7.57 -3.19
CA PHE B 294 -3.38 8.06 -3.85
C PHE B 294 -4.63 7.63 -3.10
N ILE B 295 -4.69 6.34 -2.75
CA ILE B 295 -5.83 5.80 -2.01
C ILE B 295 -5.95 6.43 -0.62
N GLU B 296 -4.82 6.59 0.08
CA GLU B 296 -4.87 7.19 1.41
C GLU B 296 -5.36 8.63 1.35
N ALA B 297 -4.90 9.39 0.34
CA ALA B 297 -5.38 10.75 0.15
C ALA B 297 -6.88 10.78 -0.12
N LEU B 298 -7.35 9.90 -1.00
CA LEU B 298 -8.75 9.92 -1.38
C LEU B 298 -9.64 9.56 -0.21
N PHE B 299 -9.24 8.56 0.59
CA PHE B 299 -10.08 8.00 1.64
C PHE B 299 -9.82 8.66 2.99
N ALA B 300 -8.88 9.63 3.04
CA ALA B 300 -8.58 10.27 4.32
C ALA B 300 -9.86 10.90 4.86
N ARG B 301 -10.14 10.61 6.13
CA ARG B 301 -11.31 11.10 6.85
C ARG B 301 -10.87 11.72 8.16
N GLU B 302 -11.15 13.02 8.33
CA GLU B 302 -10.92 13.64 9.63
C GLU B 302 -11.85 13.10 10.70
N ASP B 303 -12.86 12.32 10.32
CA ASP B 303 -13.77 11.70 11.27
C ASP B 303 -14.43 12.74 12.17
PG GNP C . 2.33 2.33 29.69
O1G GNP C . 2.76 2.98 28.37
O2G GNP C . 3.55 2.25 30.62
O3G GNP C . 1.30 3.31 30.21
N3B GNP C . 1.73 0.80 29.10
PB GNP C . 1.14 0.42 27.49
O1B GNP C . -0.26 0.59 27.89
O2B GNP C . 1.38 -1.02 26.95
O3A GNP C . 1.75 1.48 26.42
PA GNP C . 0.99 2.61 25.72
O1A GNP C . -0.15 2.17 25.05
O2A GNP C . 0.91 3.86 26.50
O5' GNP C . 2.03 3.13 24.61
C5' GNP C . 3.40 2.98 24.75
C4' GNP C . 4.06 3.97 23.79
O4' GNP C . 4.27 3.47 22.58
C3' GNP C . 3.22 5.30 23.54
O3' GNP C . 3.91 6.45 23.47
C2' GNP C . 2.63 5.02 22.11
O2' GNP C . 2.13 6.33 21.45
C1' GNP C . 3.62 4.34 21.44
N9 GNP C . 3.16 3.50 20.28
C8 GNP C . 2.10 2.62 20.21
N7 GNP C . 1.96 2.19 19.03
C5 GNP C . 3.00 2.66 18.28
C6 GNP C . 3.35 2.47 16.93
O6 GNP C . 2.68 1.73 16.34
N1 GNP C . 4.44 3.21 16.46
C2 GNP C . 5.13 4.06 17.34
N2 GNP C . 6.38 4.89 16.88
N3 GNP C . 4.75 4.21 18.61
C4 GNP C . 3.69 3.50 19.06
HNB3 GNP C . 1.72 0.15 29.66
H5'2 GNP C . 3.61 3.29 25.65
H5'1 GNP C . 3.64 2.02 24.73
H4' GNP C . 4.94 4.11 24.20
H3' GNP C . 2.48 5.43 24.15
HO3' GNP C . 3.54 7.03 23.98
H2' GNP C . 1.81 4.52 22.34
HO2' GNP C . 1.41 6.18 21.04
H1' GNP C . 4.40 4.94 21.17
H8 GNP C . 1.53 2.44 20.91
HN1 GNP C . 4.77 3.16 15.63
HN21 GNP C . 7.05 4.98 17.41
HN22 GNP C . 6.39 5.27 16.10
C ACT D . -5.10 6.11 24.45
O ACT D . -4.69 6.58 23.35
OXT ACT D . -4.56 6.53 25.50
CH3 ACT D . -6.24 5.09 24.43
H1 ACT D . -5.95 4.24 23.86
H2 ACT D . -7.10 5.51 23.97
H3 ACT D . -6.54 4.74 25.40
C ACT E . -18.78 -12.21 39.64
O ACT E . -19.50 -13.22 39.43
OXT ACT E . -19.11 -10.99 39.64
CH3 ACT E . -17.29 -12.48 39.95
H1 ACT E . -17.04 -12.05 40.78
H2 ACT E . -17.15 -13.44 40.02
H3 ACT E . -16.75 -12.14 39.22
N NH4 F . -13.28 -18.39 39.00
HN1 NH4 F . -12.71 -19.03 39.47
HN2 NH4 F . -13.69 -17.78 39.64
HN3 NH4 F . -12.74 -17.88 38.35
HN4 NH4 F . -13.99 -18.88 38.52
N NH4 G . -15.13 -7.17 11.46
HN1 NH4 G . -15.85 -7.00 12.09
HN2 NH4 G . -14.26 -7.02 11.90
HN3 NH4 G . -15.19 -8.08 11.14
HN4 NH4 G . -15.22 -6.55 10.71
N NH4 H . 12.31 6.98 8.68
HN1 NH4 H . 12.78 7.85 8.66
HN2 NH4 H . 11.43 7.08 8.27
HN3 NH4 H . 12.20 6.70 9.62
HN4 NH4 H . 12.82 6.31 8.20
N NH4 I . 8.81 12.14 7.91
HN1 NH4 I . 8.37 12.13 7.04
HN2 NH4 I . 8.13 12.12 8.62
HN3 NH4 I . 9.39 11.36 7.99
HN4 NH4 I . 9.35 12.96 7.99
N NH4 J . 14.75 -18.88 18.71
HN1 NH4 J . 15.67 -19.18 18.85
HN2 NH4 J . 14.70 -18.35 17.88
HN3 NH4 J . 14.16 -19.66 18.62
HN4 NH4 J . 14.45 -18.33 19.47
N NH4 K . -3.63 -1.95 48.74
HN1 NH4 K . -3.52 -1.01 48.51
HN2 NH4 K . -3.70 -2.49 47.93
HN3 NH4 K . -2.85 -2.26 49.26
HN4 NH4 K . -4.45 -2.05 49.29
PB GDP L . 0.44 19.39 -26.88
O1B GDP L . -0.72 19.55 -27.67
O2B GDP L . 1.56 20.08 -27.56
O3B GDP L . 0.79 18.13 -26.52
O3A GDP L . 0.08 19.67 -25.29
PA GDP L . 0.65 20.43 -24.04
O1A GDP L . 0.80 21.84 -24.25
O2A GDP L . 1.72 19.79 -23.38
O5' GDP L . -0.26 20.53 -22.75
C5' GDP L . -1.47 21.31 -22.68
C4' GDP L . -1.65 22.17 -21.42
O4' GDP L . -1.92 21.44 -20.24
C3' GDP L . -0.46 23.12 -21.06
O3' GDP L . -0.81 24.48 -20.80
C2' GDP L . 0.10 22.48 -19.83
O2' GDP L . 0.85 23.35 -19.01
C1' GDP L . -1.16 21.94 -19.17
N9 GDP L . -0.93 20.83 -18.22
C8 GDP L . -0.19 19.69 -18.46
N7 GDP L . -0.19 18.92 -17.39
C5 GDP L . -0.94 19.51 -16.44
C6 GDP L . -1.38 19.19 -15.06
O6 GDP L . -0.97 18.17 -14.67
N1 GDP L . -2.19 20.11 -14.37
C2 GDP L . -2.61 21.30 -14.99
N2 GDP L . -3.44 22.24 -14.32
N3 GDP L . -2.20 21.59 -16.26
C4 GDP L . -1.43 20.79 -16.99
H5' GDP L . -2.33 20.63 -22.78
H5'' GDP L . -1.50 21.98 -23.54
H4' GDP L . -2.59 22.70 -21.65
H3' GDP L . 0.33 23.11 -21.82
HO3' GDP L . -0.53 25.04 -21.55
H2' GDP L . 0.77 21.66 -20.14
HO2' GDP L . 1.75 23.00 -18.90
H1' GDP L . -1.75 22.78 -18.74
H8 GDP L . 0.34 19.48 -19.38
HN1 GDP L . -2.52 19.91 -13.38
HN21 GDP L . -3.77 23.12 -14.72
HN22 GDP L . -3.75 22.06 -13.37
C1 GOL M . 21.79 -3.35 -29.02
O1 GOL M . 22.59 -3.55 -30.13
C2 GOL M . 22.10 -1.92 -28.52
O2 GOL M . 21.61 -0.96 -29.41
C3 GOL M . 21.49 -1.87 -27.13
O3 GOL M . 21.78 -0.58 -26.60
H11 GOL M . 21.97 -3.98 -28.31
H12 GOL M . 20.85 -3.42 -29.21
H2 GOL M . 23.05 -1.75 -28.47
HO2 GOL M . 21.77 -1.24 -30.20
H31 GOL M . 21.86 -2.58 -26.59
H32 GOL M . 20.54 -2.05 -27.19
HO3 GOL M . 21.80 -0.67 -25.75
C ACT N . 11.06 10.35 -12.03
O ACT N . 10.92 11.37 -12.75
OXT ACT N . 11.04 9.22 -12.60
CH3 ACT N . 11.25 10.53 -10.52
H1 ACT N . 10.40 11.03 -10.12
H2 ACT N . 12.10 11.13 -10.34
H3 ACT N . 11.36 9.62 -9.96
C ACT O . 10.75 22.86 -18.23
O ACT O . 9.58 22.43 -18.11
OXT ACT O . 10.94 24.10 -18.07
CH3 ACT O . 11.87 21.88 -18.60
H1 ACT O . 11.63 21.43 -19.53
H2 ACT O . 11.92 21.12 -17.87
H3 ACT O . 12.84 22.31 -18.69
C ACT P . 6.20 7.83 0.10
O ACT P . 5.35 8.70 -0.39
OXT ACT P . 7.31 7.35 -0.40
CH3 ACT P . 5.84 7.31 1.51
H1 ACT P . 5.78 6.34 1.49
H2 ACT P . 4.99 7.68 1.79
H3 ACT P . 6.54 7.57 2.14
C ACT Q . 6.75 11.76 2.23
O ACT Q . 6.47 12.64 1.36
OXT ACT Q . 6.70 10.55 1.88
CH3 ACT Q . 7.05 12.09 3.70
H1 ACT Q . 8.00 11.68 3.96
H2 ACT Q . 6.30 11.65 4.32
H3 ACT Q . 7.08 13.13 3.93
C ACT R . 32.74 7.22 -33.13
O ACT R . 33.21 6.82 -34.23
OXT ACT R . 32.47 6.35 -32.26
CH3 ACT R . 32.54 8.72 -32.92
H1 ACT R . 32.14 9.00 -31.96
H2 ACT R . 33.47 9.22 -33.03
H3 ACT R . 31.87 9.09 -33.65
C ACT S . -4.14 18.99 3.17
O ACT S . -5.09 19.71 2.72
OXT ACT S . -3.09 18.91 2.47
CH3 ACT S . -4.18 18.29 4.53
H1 ACT S . -4.01 17.26 4.40
H2 ACT S . -5.10 18.40 5.06
H3 ACT S . -3.41 18.69 5.14
N NH4 T . 27.52 4.49 -32.43
HN1 NH4 T . 27.38 4.97 -33.27
HN2 NH4 T . 28.42 4.67 -32.09
HN3 NH4 T . 27.43 3.53 -32.59
HN4 NH4 T . 26.85 4.78 -31.78
N NH4 U . -26.33 -4.13 -7.62
HN1 NH4 U . -25.91 -5.00 -7.76
HN2 NH4 U . -25.66 -3.50 -7.27
HN3 NH4 U . -27.07 -4.21 -6.99
HN4 NH4 U . -26.66 -3.79 -8.48
N NH4 V . -5.55 22.52 1.60
HN1 NH4 V . -5.47 22.82 2.54
HN2 NH4 V . -5.15 21.64 1.52
HN3 NH4 V . -5.07 23.16 1.03
HN4 NH4 V . -6.50 22.49 1.35
N NH4 W . -16.67 0.56 -19.12
HN1 NH4 W . -16.19 -0.30 -19.10
HN2 NH4 W . -16.45 1.07 -18.31
HN3 NH4 W . -17.63 0.40 -19.16
HN4 NH4 W . -16.39 1.07 -19.91
N NH4 X . 3.58 17.03 -29.26
HN1 NH4 X . 3.27 16.81 -30.16
HN2 NH4 X . 3.99 16.25 -28.85
HN3 NH4 X . 2.83 17.33 -28.71
HN4 NH4 X . 4.24 17.75 -29.32
N NH4 Y . 6.17 12.52 -40.40
HN1 NH4 Y . 5.23 12.40 -40.66
HN2 NH4 Y . 6.24 12.55 -39.43
HN3 NH4 Y . 6.68 11.75 -40.74
HN4 NH4 Y . 6.52 13.35 -40.80
N NH4 Z . 9.52 -2.10 -27.46
HN1 NH4 Z . 9.35 -1.92 -28.41
HN2 NH4 Z . 10.47 -1.97 -27.27
HN3 NH4 Z . 9.29 -3.04 -27.26
HN4 NH4 Z . 8.97 -1.51 -26.92
N NH4 AA . 1.06 7.65 -41.77
HN1 NH4 AA . 0.42 8.02 -41.13
HN2 NH4 AA . 1.77 8.32 -41.94
HN3 NH4 AA . 0.60 7.45 -42.61
HN4 NH4 AA . 1.46 6.83 -41.42
N NH4 BA . -11.04 11.44 -27.68
HN1 NH4 BA . -11.71 11.63 -28.37
HN2 NH4 BA . -10.17 11.30 -28.09
HN3 NH4 BA . -11.00 12.20 -27.06
HN4 NH4 BA . -11.31 10.63 -27.19
N NH4 CA . -5.99 24.98 6.07
HN1 NH4 CA . -5.12 24.83 5.65
HN2 NH4 CA . -6.44 24.12 6.19
HN3 NH4 CA . -6.54 25.55 5.51
HN4 NH4 CA . -5.86 25.41 6.94
N NH4 DA . -16.67 11.37 -20.19
HN1 NH4 DA . -16.55 11.17 -19.24
HN2 NH4 DA . -16.58 10.54 -20.71
HN3 NH4 DA . -16.00 12.01 -20.48
HN4 NH4 DA . -17.56 11.74 -20.33
N NH4 EA . 16.12 4.31 -41.78
HN1 NH4 EA . 15.22 4.20 -42.12
HN2 NH4 EA . 16.32 5.27 -41.70
HN3 NH4 EA . 16.20 3.89 -40.90
HN4 NH4 EA . 16.77 3.90 -42.38
N NH4 FA . -26.31 13.33 -10.98
HN1 NH4 FA . -27.24 13.63 -11.00
HN2 NH4 FA . -26.01 13.26 -10.05
HN3 NH4 FA . -26.22 12.48 -11.43
HN4 NH4 FA . -25.75 14.00 -11.45
N NH4 GA . 2.86 10.52 5.24
HN1 NH4 GA . 2.39 11.38 5.22
HN2 NH4 GA . 2.27 9.82 4.88
HN3 NH4 GA . 3.67 10.57 4.70
HN4 NH4 GA . 3.10 10.31 6.17
#